data_1TAN
# 
_entry.id   1TAN 
# 
_audit_conform.dict_name       mmcif_pdbx.dic 
_audit_conform.dict_version    5.392 
_audit_conform.dict_location   http://mmcif.pdb.org/dictionaries/ascii/mmcif_pdbx.dic 
# 
loop_
_database_2.database_id 
_database_2.database_code 
_database_2.pdbx_database_accession 
_database_2.pdbx_DOI 
PDB   1TAN         pdb_00001tan 10.2210/pdb1tan/pdb 
WWPDB D_1000176583 ?            ?                   
# 
loop_
_pdbx_audit_revision_history.ordinal 
_pdbx_audit_revision_history.data_content_type 
_pdbx_audit_revision_history.major_revision 
_pdbx_audit_revision_history.minor_revision 
_pdbx_audit_revision_history.revision_date 
1 'Structure model' 1 0 1997-09-17 
2 'Structure model' 1 1 2008-03-24 
3 'Structure model' 1 2 2011-07-13 
4 'Structure model' 1 3 2022-03-02 
5 'Structure model' 1 4 2024-05-22 
# 
_pdbx_audit_revision_details.ordinal             1 
_pdbx_audit_revision_details.revision_ordinal    1 
_pdbx_audit_revision_details.data_content_type   'Structure model' 
_pdbx_audit_revision_details.provider            repository 
_pdbx_audit_revision_details.type                'Initial release' 
_pdbx_audit_revision_details.description         ? 
_pdbx_audit_revision_details.details             ? 
# 
loop_
_pdbx_audit_revision_group.ordinal 
_pdbx_audit_revision_group.revision_ordinal 
_pdbx_audit_revision_group.data_content_type 
_pdbx_audit_revision_group.group 
1 2 'Structure model' 'Version format compliance' 
2 3 'Structure model' 'Version format compliance' 
3 4 'Structure model' 'Data collection'           
4 4 'Structure model' 'Database references'       
5 4 'Structure model' 'Derived calculations'      
6 4 'Structure model' Other                       
7 5 'Structure model' 'Data collection'           
# 
loop_
_pdbx_audit_revision_category.ordinal 
_pdbx_audit_revision_category.revision_ordinal 
_pdbx_audit_revision_category.data_content_type 
_pdbx_audit_revision_category.category 
1 4 'Structure model' database_2            
2 4 'Structure model' pdbx_database_status  
3 4 'Structure model' pdbx_nmr_software     
4 4 'Structure model' pdbx_struct_assembly  
5 4 'Structure model' pdbx_struct_oper_list 
6 5 'Structure model' chem_comp_atom        
7 5 'Structure model' chem_comp_bond        
# 
loop_
_pdbx_audit_revision_item.ordinal 
_pdbx_audit_revision_item.revision_ordinal 
_pdbx_audit_revision_item.data_content_type 
_pdbx_audit_revision_item.item 
1 4 'Structure model' '_database_2.pdbx_DOI'                
2 4 'Structure model' '_database_2.pdbx_database_accession' 
3 4 'Structure model' '_pdbx_database_status.process_site'  
4 4 'Structure model' '_pdbx_nmr_software.name'             
# 
_pdbx_database_status.status_code                     REL 
_pdbx_database_status.entry_id                        1TAN 
_pdbx_database_status.recvd_initial_deposition_date   1997-06-17 
_pdbx_database_status.deposit_site                    ? 
_pdbx_database_status.process_site                    BNL 
_pdbx_database_status.SG_entry                        . 
_pdbx_database_status.pdb_format_compatible           Y 
_pdbx_database_status.status_code_mr                  ? 
_pdbx_database_status.status_code_sf                  ? 
_pdbx_database_status.status_code_cs                  ? 
_pdbx_database_status.status_code_nmr_data            ? 
_pdbx_database_status.methods_development_category    ? 
# 
loop_
_audit_author.name 
_audit_author.pdbx_ordinal 
'Denisov, A.'        1 
'Sandstrom, A.'      2 
'Maltseva, T.'       3 
'Pyshnyi, D.'        4 
'Ivanova, E.'        5 
'Zarytova, V.'       6 
'Chattopadhyaya, J.' 7 
# 
_citation.id                        primary 
_citation.title                     
;The NMR structure of estrone (Es)-tethered tandem DNA duplex: [d(5'pCAGCp3')-Es] + [Es-d(5'pTCCA3')]: d(5'pTGGAGCTG3').
;
_citation.journal_abbrev            J.Biomol.Struct.Dyn. 
_citation.journal_volume            15 
_citation.page_first                499 
_citation.page_last                 516 
_citation.year                      1997 
_citation.journal_id_ASTM           JBSDD6 
_citation.country                   US 
_citation.journal_id_ISSN           0739-1102 
_citation.journal_id_CSD            0646 
_citation.book_publisher            ? 
_citation.pdbx_database_id_PubMed   9439997 
_citation.pdbx_database_id_DOI      ? 
# 
loop_
_citation_author.citation_id 
_citation_author.name 
_citation_author.ordinal 
_citation_author.identifier_ORCID 
primary 'Denisov, A.Y.'      1 ? 
primary 'Sandstrom, A.'      2 ? 
primary 'Maltseva, T.V.'     3 ? 
primary 'Pyshnyi, D.V.'      4 ? 
primary 'Ivanova, E.M.'      5 ? 
primary 'Zarytova, V.F.'     6 ? 
primary 'Chattopadhyaya, J.' 7 ? 
# 
loop_
_entity.id 
_entity.type 
_entity.src_method 
_entity.pdbx_description 
_entity.formula_weight 
_entity.pdbx_number_of_molecules 
_entity.pdbx_ec 
_entity.pdbx_mutation 
_entity.pdbx_fragment 
_entity.details 
1 polymer syn 
;DNA (5'-D(P*TP*GP*GP*AP*GP*CP*TP*G)-3')
;
2482.640 1 ? ? ? ? 
2 polymer syn 
;DNA (5'-D(P*CP*AP*GP*C)-3')
;
1175.819 1 ? ? ? ? 
3 polymer syn 
;DNA (5'-D(P*TP*CP*CP*A)-3')
;
1150.806 1 ? ? ? ? 
# 
loop_
_entity_poly.entity_id 
_entity_poly.type 
_entity_poly.nstd_linkage 
_entity_poly.nstd_monomer 
_entity_poly.pdbx_seq_one_letter_code 
_entity_poly.pdbx_seq_one_letter_code_can 
_entity_poly.pdbx_strand_id 
_entity_poly.pdbx_target_identifier 
1 polydeoxyribonucleotide no no '(DT)(DG)(DG)(DA)(DG)(DC)(DT)(DG)' TGGAGCTG A ? 
2 polydeoxyribonucleotide no no '(DC)(DA)(DG)(DC)'                 CAGC     B ? 
3 polydeoxyribonucleotide no no '(DT)(DC)(DC)(DA)'                 TCCA     C ? 
# 
loop_
_entity_poly_seq.entity_id 
_entity_poly_seq.num 
_entity_poly_seq.mon_id 
_entity_poly_seq.hetero 
1 1 DT n 
1 2 DG n 
1 3 DG n 
1 4 DA n 
1 5 DG n 
1 6 DC n 
1 7 DT n 
1 8 DG n 
2 1 DC n 
2 2 DA n 
2 3 DG n 
2 4 DC n 
3 1 DT n 
3 2 DC n 
3 3 DC n 
3 4 DA n 
# 
loop_
_chem_comp.id 
_chem_comp.type 
_chem_comp.mon_nstd_flag 
_chem_comp.name 
_chem_comp.pdbx_synonyms 
_chem_comp.formula 
_chem_comp.formula_weight 
DA 'DNA linking' y "2'-DEOXYADENOSINE-5'-MONOPHOSPHATE" ? 'C10 H14 N5 O6 P' 331.222 
DC 'DNA linking' y "2'-DEOXYCYTIDINE-5'-MONOPHOSPHATE"  ? 'C9 H14 N3 O7 P'  307.197 
DG 'DNA linking' y "2'-DEOXYGUANOSINE-5'-MONOPHOSPHATE" ? 'C10 H14 N5 O7 P' 347.221 
DT 'DNA linking' y "THYMIDINE-5'-MONOPHOSPHATE"         ? 'C10 H15 N2 O8 P' 322.208 
# 
loop_
_pdbx_poly_seq_scheme.asym_id 
_pdbx_poly_seq_scheme.entity_id 
_pdbx_poly_seq_scheme.seq_id 
_pdbx_poly_seq_scheme.mon_id 
_pdbx_poly_seq_scheme.ndb_seq_num 
_pdbx_poly_seq_scheme.pdb_seq_num 
_pdbx_poly_seq_scheme.auth_seq_num 
_pdbx_poly_seq_scheme.pdb_mon_id 
_pdbx_poly_seq_scheme.auth_mon_id 
_pdbx_poly_seq_scheme.pdb_strand_id 
_pdbx_poly_seq_scheme.pdb_ins_code 
_pdbx_poly_seq_scheme.hetero 
A 1 1 DT 1 1  1  DT T A . n 
A 1 2 DG 2 2  2  DG G A . n 
A 1 3 DG 3 3  3  DG G A . n 
A 1 4 DA 4 4  4  DA A A . n 
A 1 5 DG 5 5  5  DG G A . n 
A 1 6 DC 6 6  6  DC C A . n 
A 1 7 DT 7 7  7  DT T A . n 
A 1 8 DG 8 8  8  DG G A . n 
B 2 1 DC 1 9  9  DC C B . n 
B 2 2 DA 2 10 10 DA A B . n 
B 2 3 DG 3 11 11 DG G B . n 
B 2 4 DC 4 12 12 DC C B . n 
C 3 1 DT 1 13 13 DT T C . n 
C 3 2 DC 2 14 14 DC C C . n 
C 3 3 DC 3 15 15 DC C C . n 
C 3 4 DA 4 16 16 DA A C . n 
# 
_software.name             AMBER 
_software.classification   refinement 
_software.version          . 
_software.citation_id      ? 
_software.pdbx_ordinal     1 
# 
_cell.entry_id           1TAN 
_cell.length_a           1.000 
_cell.length_b           1.000 
_cell.length_c           1.000 
_cell.angle_alpha        90.00 
_cell.angle_beta         90.00 
_cell.angle_gamma        90.00 
_cell.Z_PDB              1 
_cell.pdbx_unique_axis   ? 
# 
_symmetry.entry_id                         1TAN 
_symmetry.space_group_name_H-M             'P 1' 
_symmetry.pdbx_full_space_group_name_H-M   ? 
_symmetry.cell_setting                     ? 
_symmetry.Int_Tables_number                1 
# 
_exptl.entry_id          1TAN 
_exptl.method            'SOLUTION NMR' 
_exptl.crystals_number   ? 
# 
_struct.entry_id                  1TAN 
_struct.title                     'TANDEM DNA, NMR, MINIMIZED AVERAGE STRUCTURE' 
_struct.pdbx_model_details        ? 
_struct.pdbx_CASP_flag            ? 
_struct.pdbx_model_type_details   ? 
# 
_struct_keywords.entry_id        1TAN 
_struct_keywords.pdbx_keywords   DNA 
_struct_keywords.text            'DEOXYRIBONUCLEIC ACID, TANDEM, DNA' 
# 
loop_
_struct_asym.id 
_struct_asym.pdbx_blank_PDB_chainid_flag 
_struct_asym.pdbx_modified 
_struct_asym.entity_id 
_struct_asym.details 
A N N 1 ? 
B N N 2 ? 
C N N 3 ? 
# 
loop_
_struct_ref.id 
_struct_ref.entity_id 
_struct_ref.db_name 
_struct_ref.db_code 
_struct_ref.pdbx_db_accession 
_struct_ref.pdbx_db_isoform 
_struct_ref.pdbx_seq_one_letter_code 
_struct_ref.pdbx_align_begin 
1 1 PDB 1TAN 1TAN ? ? ? 
2 2 PDB 1TAN 1TAN ? ? ? 
3 3 PDB 1TAN 1TAN ? ? ? 
# 
loop_
_struct_ref_seq.align_id 
_struct_ref_seq.ref_id 
_struct_ref_seq.pdbx_PDB_id_code 
_struct_ref_seq.pdbx_strand_id 
_struct_ref_seq.seq_align_beg 
_struct_ref_seq.pdbx_seq_align_beg_ins_code 
_struct_ref_seq.seq_align_end 
_struct_ref_seq.pdbx_seq_align_end_ins_code 
_struct_ref_seq.pdbx_db_accession 
_struct_ref_seq.db_align_beg 
_struct_ref_seq.pdbx_db_align_beg_ins_code 
_struct_ref_seq.db_align_end 
_struct_ref_seq.pdbx_db_align_end_ins_code 
_struct_ref_seq.pdbx_auth_seq_align_beg 
_struct_ref_seq.pdbx_auth_seq_align_end 
1 1 1TAN A 1 ? 8 ? 1TAN 1  ? 8  ? 1  8  
2 2 1TAN B 1 ? 4 ? 1TAN 9  ? 12 ? 9  12 
3 3 1TAN C 1 ? 4 ? 1TAN 13 ? 16 ? 13 16 
# 
_pdbx_struct_assembly.id                   1 
_pdbx_struct_assembly.details              author_defined_assembly 
_pdbx_struct_assembly.method_details       ? 
_pdbx_struct_assembly.oligomeric_details   trimeric 
_pdbx_struct_assembly.oligomeric_count     3 
# 
_pdbx_struct_assembly_gen.assembly_id       1 
_pdbx_struct_assembly_gen.oper_expression   1 
_pdbx_struct_assembly_gen.asym_id_list      A,B,C 
# 
_pdbx_struct_oper_list.id                   1 
_pdbx_struct_oper_list.type                 'identity operation' 
_pdbx_struct_oper_list.name                 1_555 
_pdbx_struct_oper_list.symmetry_operation   x,y,z 
_pdbx_struct_oper_list.matrix[1][1]         1.0000000000 
_pdbx_struct_oper_list.matrix[1][2]         0.0000000000 
_pdbx_struct_oper_list.matrix[1][3]         0.0000000000 
_pdbx_struct_oper_list.vector[1]            0.0000000000 
_pdbx_struct_oper_list.matrix[2][1]         0.0000000000 
_pdbx_struct_oper_list.matrix[2][2]         1.0000000000 
_pdbx_struct_oper_list.matrix[2][3]         0.0000000000 
_pdbx_struct_oper_list.vector[2]            0.0000000000 
_pdbx_struct_oper_list.matrix[3][1]         0.0000000000 
_pdbx_struct_oper_list.matrix[3][2]         0.0000000000 
_pdbx_struct_oper_list.matrix[3][3]         1.0000000000 
_pdbx_struct_oper_list.vector[3]            0.0000000000 
# 
_struct_biol.id   1 
# 
loop_
_struct_conn.id 
_struct_conn.conn_type_id 
_struct_conn.pdbx_leaving_atom_flag 
_struct_conn.pdbx_PDB_id 
_struct_conn.ptnr1_label_asym_id 
_struct_conn.ptnr1_label_comp_id 
_struct_conn.ptnr1_label_seq_id 
_struct_conn.ptnr1_label_atom_id 
_struct_conn.pdbx_ptnr1_label_alt_id 
_struct_conn.pdbx_ptnr1_PDB_ins_code 
_struct_conn.pdbx_ptnr1_standard_comp_id 
_struct_conn.ptnr1_symmetry 
_struct_conn.ptnr2_label_asym_id 
_struct_conn.ptnr2_label_comp_id 
_struct_conn.ptnr2_label_seq_id 
_struct_conn.ptnr2_label_atom_id 
_struct_conn.pdbx_ptnr2_label_alt_id 
_struct_conn.pdbx_ptnr2_PDB_ins_code 
_struct_conn.ptnr1_auth_asym_id 
_struct_conn.ptnr1_auth_comp_id 
_struct_conn.ptnr1_auth_seq_id 
_struct_conn.ptnr2_auth_asym_id 
_struct_conn.ptnr2_auth_comp_id 
_struct_conn.ptnr2_auth_seq_id 
_struct_conn.ptnr2_symmetry 
_struct_conn.pdbx_ptnr3_label_atom_id 
_struct_conn.pdbx_ptnr3_label_seq_id 
_struct_conn.pdbx_ptnr3_label_comp_id 
_struct_conn.pdbx_ptnr3_label_asym_id 
_struct_conn.pdbx_ptnr3_label_alt_id 
_struct_conn.pdbx_ptnr3_PDB_ins_code 
_struct_conn.details 
_struct_conn.pdbx_dist_value 
_struct_conn.pdbx_value_order 
_struct_conn.pdbx_role 
hydrog1  hydrog ? ? A DT 1 N3 ? ? ? 1_555 C DA 4 N1 ? ? A DT 1 C DA 16 1_555 ? ? ? ? ? ? WATSON-CRICK ? ? ? 
hydrog2  hydrog ? ? A DT 1 O4 ? ? ? 1_555 C DA 4 N6 ? ? A DT 1 C DA 16 1_555 ? ? ? ? ? ? WATSON-CRICK ? ? ? 
hydrog3  hydrog ? ? A DG 2 N1 ? ? ? 1_555 C DC 3 N3 ? ? A DG 2 C DC 15 1_555 ? ? ? ? ? ? WATSON-CRICK ? ? ? 
hydrog4  hydrog ? ? A DG 2 N2 ? ? ? 1_555 C DC 3 O2 ? ? A DG 2 C DC 15 1_555 ? ? ? ? ? ? WATSON-CRICK ? ? ? 
hydrog5  hydrog ? ? A DG 2 O6 ? ? ? 1_555 C DC 3 N4 ? ? A DG 2 C DC 15 1_555 ? ? ? ? ? ? WATSON-CRICK ? ? ? 
hydrog6  hydrog ? ? A DG 3 N1 ? ? ? 1_555 C DC 2 N3 ? ? A DG 3 C DC 14 1_555 ? ? ? ? ? ? WATSON-CRICK ? ? ? 
hydrog7  hydrog ? ? A DG 3 N2 ? ? ? 1_555 C DC 2 O2 ? ? A DG 3 C DC 14 1_555 ? ? ? ? ? ? WATSON-CRICK ? ? ? 
hydrog8  hydrog ? ? A DG 3 O6 ? ? ? 1_555 C DC 2 N4 ? ? A DG 3 C DC 14 1_555 ? ? ? ? ? ? WATSON-CRICK ? ? ? 
hydrog9  hydrog ? ? A DA 4 N1 ? ? ? 1_555 C DT 1 N3 ? ? A DA 4 C DT 13 1_555 ? ? ? ? ? ? WATSON-CRICK ? ? ? 
hydrog10 hydrog ? ? A DA 4 N6 ? ? ? 1_555 C DT 1 O4 ? ? A DA 4 C DT 13 1_555 ? ? ? ? ? ? WATSON-CRICK ? ? ? 
hydrog11 hydrog ? ? A DG 5 N1 ? ? ? 1_555 B DC 4 N3 ? ? A DG 5 B DC 12 1_555 ? ? ? ? ? ? WATSON-CRICK ? ? ? 
hydrog12 hydrog ? ? A DG 5 N2 ? ? ? 1_555 B DC 4 O2 ? ? A DG 5 B DC 12 1_555 ? ? ? ? ? ? WATSON-CRICK ? ? ? 
hydrog13 hydrog ? ? A DG 5 O6 ? ? ? 1_555 B DC 4 N4 ? ? A DG 5 B DC 12 1_555 ? ? ? ? ? ? WATSON-CRICK ? ? ? 
hydrog14 hydrog ? ? A DC 6 N3 ? ? ? 1_555 B DG 3 N1 ? ? A DC 6 B DG 11 1_555 ? ? ? ? ? ? WATSON-CRICK ? ? ? 
hydrog15 hydrog ? ? A DC 6 N4 ? ? ? 1_555 B DG 3 O6 ? ? A DC 6 B DG 11 1_555 ? ? ? ? ? ? WATSON-CRICK ? ? ? 
hydrog16 hydrog ? ? A DC 6 O2 ? ? ? 1_555 B DG 3 N2 ? ? A DC 6 B DG 11 1_555 ? ? ? ? ? ? WATSON-CRICK ? ? ? 
hydrog17 hydrog ? ? A DT 7 N3 ? ? ? 1_555 B DA 2 N1 ? ? A DT 7 B DA 10 1_555 ? ? ? ? ? ? WATSON-CRICK ? ? ? 
hydrog18 hydrog ? ? A DT 7 O4 ? ? ? 1_555 B DA 2 N6 ? ? A DT 7 B DA 10 1_555 ? ? ? ? ? ? WATSON-CRICK ? ? ? 
hydrog19 hydrog ? ? A DG 8 N1 ? ? ? 1_555 B DC 1 N3 ? ? A DG 8 B DC 9  1_555 ? ? ? ? ? ? WATSON-CRICK ? ? ? 
hydrog20 hydrog ? ? A DG 8 N2 ? ? ? 1_555 B DC 1 O2 ? ? A DG 8 B DC 9  1_555 ? ? ? ? ? ? WATSON-CRICK ? ? ? 
hydrog21 hydrog ? ? A DG 8 O6 ? ? ? 1_555 B DC 1 N4 ? ? A DG 8 B DC 9  1_555 ? ? ? ? ? ? WATSON-CRICK ? ? ? 
# 
_struct_conn_type.id          hydrog 
_struct_conn_type.criteria    ? 
_struct_conn_type.reference   ? 
# 
loop_
_pdbx_validate_rmsd_angle.id 
_pdbx_validate_rmsd_angle.PDB_model_num 
_pdbx_validate_rmsd_angle.auth_atom_id_1 
_pdbx_validate_rmsd_angle.auth_asym_id_1 
_pdbx_validate_rmsd_angle.auth_comp_id_1 
_pdbx_validate_rmsd_angle.auth_seq_id_1 
_pdbx_validate_rmsd_angle.PDB_ins_code_1 
_pdbx_validate_rmsd_angle.label_alt_id_1 
_pdbx_validate_rmsd_angle.auth_atom_id_2 
_pdbx_validate_rmsd_angle.auth_asym_id_2 
_pdbx_validate_rmsd_angle.auth_comp_id_2 
_pdbx_validate_rmsd_angle.auth_seq_id_2 
_pdbx_validate_rmsd_angle.PDB_ins_code_2 
_pdbx_validate_rmsd_angle.label_alt_id_2 
_pdbx_validate_rmsd_angle.auth_atom_id_3 
_pdbx_validate_rmsd_angle.auth_asym_id_3 
_pdbx_validate_rmsd_angle.auth_comp_id_3 
_pdbx_validate_rmsd_angle.auth_seq_id_3 
_pdbx_validate_rmsd_angle.PDB_ins_code_3 
_pdbx_validate_rmsd_angle.label_alt_id_3 
_pdbx_validate_rmsd_angle.angle_value 
_pdbx_validate_rmsd_angle.angle_target_value 
_pdbx_validate_rmsd_angle.angle_deviation 
_pdbx_validate_rmsd_angle.angle_standard_deviation 
_pdbx_validate_rmsd_angle.linker_flag 
1 1 "O4'" A DT 1  ? ? "C1'" A DT 1  ? ? N1    A DT 1  ? ? 110.78 108.30 2.48  0.30 N 
2 1 "O4'" A DG 2  ? ? "C1'" A DG 2  ? ? N9    A DG 2  ? ? 113.89 108.30 5.59  0.30 N 
3 1 C6    A DT 7  ? ? C5    A DT 7  ? ? C7    A DT 7  ? ? 118.42 122.90 -4.48 0.60 N 
4 1 "O4'" B DC 9  ? ? "C1'" B DC 9  ? ? N1    B DC 9  ? ? 110.21 108.30 1.91  0.30 N 
5 1 "O4'" B DA 10 ? ? "C4'" B DA 10 ? ? "C3'" B DA 10 ? ? 110.09 106.00 4.09  0.60 N 
6 1 "O4'" B DG 11 ? ? "C1'" B DG 11 ? ? N9    B DG 11 ? ? 110.39 108.30 2.09  0.30 N 
7 1 "C5'" B DC 12 ? ? "C4'" B DC 12 ? ? "O4'" B DC 12 ? ? 116.83 109.80 7.03  1.10 N 
8 1 "O4'" C DT 13 ? ? "C4'" C DT 13 ? ? "C3'" C DT 13 ? ? 110.72 106.00 4.72  0.60 N 
# 
loop_
_pdbx_validate_planes.id 
_pdbx_validate_planes.PDB_model_num 
_pdbx_validate_planes.auth_comp_id 
_pdbx_validate_planes.auth_asym_id 
_pdbx_validate_planes.auth_seq_id 
_pdbx_validate_planes.PDB_ins_code 
_pdbx_validate_planes.label_alt_id 
_pdbx_validate_planes.rmsd 
_pdbx_validate_planes.type 
1 1 DC B 9  ? ? 0.057 'SIDE CHAIN' 
2 1 DA B 10 ? ? 0.066 'SIDE CHAIN' 
# 
_pdbx_nmr_ensemble.entry_id                             1TAN 
_pdbx_nmr_ensemble.conformers_calculated_total_number   2 
_pdbx_nmr_ensemble.conformers_submitted_total_number    1 
_pdbx_nmr_ensemble.conformer_selection_criteria         'LOWEST ENERGY, BEST AGREEMENT WITH NOE VOLUMES' 
# 
_pdbx_nmr_exptl_sample_conditions.conditions_id       1 
_pdbx_nmr_exptl_sample_conditions.temperature         288 
_pdbx_nmr_exptl_sample_conditions.pressure            ? 
_pdbx_nmr_exptl_sample_conditions.pH                  7.0 
_pdbx_nmr_exptl_sample_conditions.ionic_strength      ? 
_pdbx_nmr_exptl_sample_conditions.pressure_units      . 
_pdbx_nmr_exptl_sample_conditions.temperature_units   K 
# 
loop_
_pdbx_nmr_exptl.experiment_id 
_pdbx_nmr_exptl.conditions_id 
_pdbx_nmr_exptl.type 
_pdbx_nmr_exptl.solution_id 
1 1 NOESY    1 
2 1 DQF-COSY 1 
# 
_pdbx_nmr_refine.entry_id           1TAN 
_pdbx_nmr_refine.method             'RESTRAINED MD' 
_pdbx_nmr_refine.details            'REFINEMENT DETAILS CAN BE FOUND IN THE PAPER.' 
_pdbx_nmr_refine.software_ordinal   1 
# 
loop_
_pdbx_nmr_software.classification 
_pdbx_nmr_software.name 
_pdbx_nmr_software.version 
_pdbx_nmr_software.authors 
_pdbx_nmr_software.ordinal 
refinement           Amber     4.1 'PEARLMAN,CASE,CALDWELL,ROSS,CHEATHAM, FERGUSON,SEIBEL,SINGH,WEINER,KOLLMAN' 1 
'structure solution' AURELIA   ?   ?                                                                            2 
'structure solution' Amber     ?   ?                                                                            3 
'structure solution' MARDIGRAS ?   ?                                                                            4 
# 
loop_
_chem_comp_atom.comp_id 
_chem_comp_atom.atom_id 
_chem_comp_atom.type_symbol 
_chem_comp_atom.pdbx_aromatic_flag 
_chem_comp_atom.pdbx_stereo_config 
_chem_comp_atom.pdbx_ordinal 
DA OP3    O N N 1   
DA P      P N N 2   
DA OP1    O N N 3   
DA OP2    O N N 4   
DA "O5'"  O N N 5   
DA "C5'"  C N N 6   
DA "C4'"  C N R 7   
DA "O4'"  O N N 8   
DA "C3'"  C N S 9   
DA "O3'"  O N N 10  
DA "C2'"  C N N 11  
DA "C1'"  C N R 12  
DA N9     N Y N 13  
DA C8     C Y N 14  
DA N7     N Y N 15  
DA C5     C Y N 16  
DA C6     C Y N 17  
DA N6     N N N 18  
DA N1     N Y N 19  
DA C2     C Y N 20  
DA N3     N Y N 21  
DA C4     C Y N 22  
DA HOP3   H N N 23  
DA HOP2   H N N 24  
DA "H5'"  H N N 25  
DA "H5''" H N N 26  
DA "H4'"  H N N 27  
DA "H3'"  H N N 28  
DA "HO3'" H N N 29  
DA "H2'"  H N N 30  
DA "H2''" H N N 31  
DA "H1'"  H N N 32  
DA H8     H N N 33  
DA H61    H N N 34  
DA H62    H N N 35  
DA H2     H N N 36  
DC OP3    O N N 37  
DC P      P N N 38  
DC OP1    O N N 39  
DC OP2    O N N 40  
DC "O5'"  O N N 41  
DC "C5'"  C N N 42  
DC "C4'"  C N R 43  
DC "O4'"  O N N 44  
DC "C3'"  C N S 45  
DC "O3'"  O N N 46  
DC "C2'"  C N N 47  
DC "C1'"  C N R 48  
DC N1     N N N 49  
DC C2     C N N 50  
DC O2     O N N 51  
DC N3     N N N 52  
DC C4     C N N 53  
DC N4     N N N 54  
DC C5     C N N 55  
DC C6     C N N 56  
DC HOP3   H N N 57  
DC HOP2   H N N 58  
DC "H5'"  H N N 59  
DC "H5''" H N N 60  
DC "H4'"  H N N 61  
DC "H3'"  H N N 62  
DC "HO3'" H N N 63  
DC "H2'"  H N N 64  
DC "H2''" H N N 65  
DC "H1'"  H N N 66  
DC H41    H N N 67  
DC H42    H N N 68  
DC H5     H N N 69  
DC H6     H N N 70  
DG OP3    O N N 71  
DG P      P N N 72  
DG OP1    O N N 73  
DG OP2    O N N 74  
DG "O5'"  O N N 75  
DG "C5'"  C N N 76  
DG "C4'"  C N R 77  
DG "O4'"  O N N 78  
DG "C3'"  C N S 79  
DG "O3'"  O N N 80  
DG "C2'"  C N N 81  
DG "C1'"  C N R 82  
DG N9     N Y N 83  
DG C8     C Y N 84  
DG N7     N Y N 85  
DG C5     C Y N 86  
DG C6     C N N 87  
DG O6     O N N 88  
DG N1     N N N 89  
DG C2     C N N 90  
DG N2     N N N 91  
DG N3     N N N 92  
DG C4     C Y N 93  
DG HOP3   H N N 94  
DG HOP2   H N N 95  
DG "H5'"  H N N 96  
DG "H5''" H N N 97  
DG "H4'"  H N N 98  
DG "H3'"  H N N 99  
DG "HO3'" H N N 100 
DG "H2'"  H N N 101 
DG "H2''" H N N 102 
DG "H1'"  H N N 103 
DG H8     H N N 104 
DG H1     H N N 105 
DG H21    H N N 106 
DG H22    H N N 107 
DT OP3    O N N 108 
DT P      P N N 109 
DT OP1    O N N 110 
DT OP2    O N N 111 
DT "O5'"  O N N 112 
DT "C5'"  C N N 113 
DT "C4'"  C N R 114 
DT "O4'"  O N N 115 
DT "C3'"  C N S 116 
DT "O3'"  O N N 117 
DT "C2'"  C N N 118 
DT "C1'"  C N R 119 
DT N1     N N N 120 
DT C2     C N N 121 
DT O2     O N N 122 
DT N3     N N N 123 
DT C4     C N N 124 
DT O4     O N N 125 
DT C5     C N N 126 
DT C7     C N N 127 
DT C6     C N N 128 
DT HOP3   H N N 129 
DT HOP2   H N N 130 
DT "H5'"  H N N 131 
DT "H5''" H N N 132 
DT "H4'"  H N N 133 
DT "H3'"  H N N 134 
DT "HO3'" H N N 135 
DT "H2'"  H N N 136 
DT "H2''" H N N 137 
DT "H1'"  H N N 138 
DT H3     H N N 139 
DT H71    H N N 140 
DT H72    H N N 141 
DT H73    H N N 142 
DT H6     H N N 143 
# 
loop_
_chem_comp_bond.comp_id 
_chem_comp_bond.atom_id_1 
_chem_comp_bond.atom_id_2 
_chem_comp_bond.value_order 
_chem_comp_bond.pdbx_aromatic_flag 
_chem_comp_bond.pdbx_stereo_config 
_chem_comp_bond.pdbx_ordinal 
DA OP3   P      sing N N 1   
DA OP3   HOP3   sing N N 2   
DA P     OP1    doub N N 3   
DA P     OP2    sing N N 4   
DA P     "O5'"  sing N N 5   
DA OP2   HOP2   sing N N 6   
DA "O5'" "C5'"  sing N N 7   
DA "C5'" "C4'"  sing N N 8   
DA "C5'" "H5'"  sing N N 9   
DA "C5'" "H5''" sing N N 10  
DA "C4'" "O4'"  sing N N 11  
DA "C4'" "C3'"  sing N N 12  
DA "C4'" "H4'"  sing N N 13  
DA "O4'" "C1'"  sing N N 14  
DA "C3'" "O3'"  sing N N 15  
DA "C3'" "C2'"  sing N N 16  
DA "C3'" "H3'"  sing N N 17  
DA "O3'" "HO3'" sing N N 18  
DA "C2'" "C1'"  sing N N 19  
DA "C2'" "H2'"  sing N N 20  
DA "C2'" "H2''" sing N N 21  
DA "C1'" N9     sing N N 22  
DA "C1'" "H1'"  sing N N 23  
DA N9    C8     sing Y N 24  
DA N9    C4     sing Y N 25  
DA C8    N7     doub Y N 26  
DA C8    H8     sing N N 27  
DA N7    C5     sing Y N 28  
DA C5    C6     sing Y N 29  
DA C5    C4     doub Y N 30  
DA C6    N6     sing N N 31  
DA C6    N1     doub Y N 32  
DA N6    H61    sing N N 33  
DA N6    H62    sing N N 34  
DA N1    C2     sing Y N 35  
DA C2    N3     doub Y N 36  
DA C2    H2     sing N N 37  
DA N3    C4     sing Y N 38  
DC OP3   P      sing N N 39  
DC OP3   HOP3   sing N N 40  
DC P     OP1    doub N N 41  
DC P     OP2    sing N N 42  
DC P     "O5'"  sing N N 43  
DC OP2   HOP2   sing N N 44  
DC "O5'" "C5'"  sing N N 45  
DC "C5'" "C4'"  sing N N 46  
DC "C5'" "H5'"  sing N N 47  
DC "C5'" "H5''" sing N N 48  
DC "C4'" "O4'"  sing N N 49  
DC "C4'" "C3'"  sing N N 50  
DC "C4'" "H4'"  sing N N 51  
DC "O4'" "C1'"  sing N N 52  
DC "C3'" "O3'"  sing N N 53  
DC "C3'" "C2'"  sing N N 54  
DC "C3'" "H3'"  sing N N 55  
DC "O3'" "HO3'" sing N N 56  
DC "C2'" "C1'"  sing N N 57  
DC "C2'" "H2'"  sing N N 58  
DC "C2'" "H2''" sing N N 59  
DC "C1'" N1     sing N N 60  
DC "C1'" "H1'"  sing N N 61  
DC N1    C2     sing N N 62  
DC N1    C6     sing N N 63  
DC C2    O2     doub N N 64  
DC C2    N3     sing N N 65  
DC N3    C4     doub N N 66  
DC C4    N4     sing N N 67  
DC C4    C5     sing N N 68  
DC N4    H41    sing N N 69  
DC N4    H42    sing N N 70  
DC C5    C6     doub N N 71  
DC C5    H5     sing N N 72  
DC C6    H6     sing N N 73  
DG OP3   P      sing N N 74  
DG OP3   HOP3   sing N N 75  
DG P     OP1    doub N N 76  
DG P     OP2    sing N N 77  
DG P     "O5'"  sing N N 78  
DG OP2   HOP2   sing N N 79  
DG "O5'" "C5'"  sing N N 80  
DG "C5'" "C4'"  sing N N 81  
DG "C5'" "H5'"  sing N N 82  
DG "C5'" "H5''" sing N N 83  
DG "C4'" "O4'"  sing N N 84  
DG "C4'" "C3'"  sing N N 85  
DG "C4'" "H4'"  sing N N 86  
DG "O4'" "C1'"  sing N N 87  
DG "C3'" "O3'"  sing N N 88  
DG "C3'" "C2'"  sing N N 89  
DG "C3'" "H3'"  sing N N 90  
DG "O3'" "HO3'" sing N N 91  
DG "C2'" "C1'"  sing N N 92  
DG "C2'" "H2'"  sing N N 93  
DG "C2'" "H2''" sing N N 94  
DG "C1'" N9     sing N N 95  
DG "C1'" "H1'"  sing N N 96  
DG N9    C8     sing Y N 97  
DG N9    C4     sing Y N 98  
DG C8    N7     doub Y N 99  
DG C8    H8     sing N N 100 
DG N7    C5     sing Y N 101 
DG C5    C6     sing N N 102 
DG C5    C4     doub Y N 103 
DG C6    O6     doub N N 104 
DG C6    N1     sing N N 105 
DG N1    C2     sing N N 106 
DG N1    H1     sing N N 107 
DG C2    N2     sing N N 108 
DG C2    N3     doub N N 109 
DG N2    H21    sing N N 110 
DG N2    H22    sing N N 111 
DG N3    C4     sing N N 112 
DT OP3   P      sing N N 113 
DT OP3   HOP3   sing N N 114 
DT P     OP1    doub N N 115 
DT P     OP2    sing N N 116 
DT P     "O5'"  sing N N 117 
DT OP2   HOP2   sing N N 118 
DT "O5'" "C5'"  sing N N 119 
DT "C5'" "C4'"  sing N N 120 
DT "C5'" "H5'"  sing N N 121 
DT "C5'" "H5''" sing N N 122 
DT "C4'" "O4'"  sing N N 123 
DT "C4'" "C3'"  sing N N 124 
DT "C4'" "H4'"  sing N N 125 
DT "O4'" "C1'"  sing N N 126 
DT "C3'" "O3'"  sing N N 127 
DT "C3'" "C2'"  sing N N 128 
DT "C3'" "H3'"  sing N N 129 
DT "O3'" "HO3'" sing N N 130 
DT "C2'" "C1'"  sing N N 131 
DT "C2'" "H2'"  sing N N 132 
DT "C2'" "H2''" sing N N 133 
DT "C1'" N1     sing N N 134 
DT "C1'" "H1'"  sing N N 135 
DT N1    C2     sing N N 136 
DT N1    C6     sing N N 137 
DT C2    O2     doub N N 138 
DT C2    N3     sing N N 139 
DT N3    C4     sing N N 140 
DT N3    H3     sing N N 141 
DT C4    O4     doub N N 142 
DT C4    C5     sing N N 143 
DT C5    C7     sing N N 144 
DT C5    C6     doub N N 145 
DT C7    H71    sing N N 146 
DT C7    H72    sing N N 147 
DT C7    H73    sing N N 148 
DT C6    H6     sing N N 149 
# 
_ndb_struct_conf_na.entry_id   1TAN 
_ndb_struct_conf_na.feature    'double helix' 
# 
loop_
_ndb_struct_na_base_pair.model_number 
_ndb_struct_na_base_pair.i_label_asym_id 
_ndb_struct_na_base_pair.i_label_comp_id 
_ndb_struct_na_base_pair.i_label_seq_id 
_ndb_struct_na_base_pair.i_symmetry 
_ndb_struct_na_base_pair.j_label_asym_id 
_ndb_struct_na_base_pair.j_label_comp_id 
_ndb_struct_na_base_pair.j_label_seq_id 
_ndb_struct_na_base_pair.j_symmetry 
_ndb_struct_na_base_pair.shear 
_ndb_struct_na_base_pair.stretch 
_ndb_struct_na_base_pair.stagger 
_ndb_struct_na_base_pair.buckle 
_ndb_struct_na_base_pair.propeller 
_ndb_struct_na_base_pair.opening 
_ndb_struct_na_base_pair.pair_number 
_ndb_struct_na_base_pair.pair_name 
_ndb_struct_na_base_pair.i_auth_asym_id 
_ndb_struct_na_base_pair.i_auth_seq_id 
_ndb_struct_na_base_pair.i_PDB_ins_code 
_ndb_struct_na_base_pair.j_auth_asym_id 
_ndb_struct_na_base_pair.j_auth_seq_id 
_ndb_struct_na_base_pair.j_PDB_ins_code 
_ndb_struct_na_base_pair.hbond_type_28 
_ndb_struct_na_base_pair.hbond_type_12 
1 A DT 1 1_555 C DA 4 1_555 0.139  0.001 -0.261 -2.619 -6.697 2.038  1 A_DT1:DA16_C A 1 ? C 16 ? 20 1 
1 A DG 2 1_555 C DC 3 1_555 -0.183 0.047 -0.006 1.401  -2.776 -2.361 2 A_DG2:DC15_C A 2 ? C 15 ? 19 1 
1 A DG 3 1_555 C DC 2 1_555 -0.296 0.022 -0.265 -1.704 -4.840 -0.051 3 A_DG3:DC14_C A 3 ? C 14 ? 19 1 
1 A DA 4 1_555 C DT 1 1_555 -0.130 0.050 -0.253 -8.326 -9.786 -4.197 4 A_DA4:DT13_C A 4 ? C 13 ? 20 1 
1 A DG 5 1_555 B DC 4 1_555 0.199  0.095 -0.066 6.755  -2.002 -1.637 5 A_DG5:DC12_B A 5 ? B 12 ? 19 1 
1 A DC 6 1_555 B DG 3 1_555 -0.134 0.080 0.029  -2.478 -3.883 -1.847 6 A_DC6:DG11_B A 6 ? B 11 ? 19 1 
1 A DT 7 1_555 B DA 2 1_555 -0.115 0.088 -0.114 1.498  -8.927 -1.107 7 A_DT7:DA10_B A 7 ? B 10 ? 20 1 
1 A DG 8 1_555 B DC 1 1_555 -0.011 0.026 -0.277 2.759  -8.821 -0.822 8 A_DG8:DC9_B  A 8 ? B 9  ? 19 1 
# 
loop_
_ndb_struct_na_base_pair_step.model_number 
_ndb_struct_na_base_pair_step.i_label_asym_id_1 
_ndb_struct_na_base_pair_step.i_label_comp_id_1 
_ndb_struct_na_base_pair_step.i_label_seq_id_1 
_ndb_struct_na_base_pair_step.i_symmetry_1 
_ndb_struct_na_base_pair_step.j_label_asym_id_1 
_ndb_struct_na_base_pair_step.j_label_comp_id_1 
_ndb_struct_na_base_pair_step.j_label_seq_id_1 
_ndb_struct_na_base_pair_step.j_symmetry_1 
_ndb_struct_na_base_pair_step.i_label_asym_id_2 
_ndb_struct_na_base_pair_step.i_label_comp_id_2 
_ndb_struct_na_base_pair_step.i_label_seq_id_2 
_ndb_struct_na_base_pair_step.i_symmetry_2 
_ndb_struct_na_base_pair_step.j_label_asym_id_2 
_ndb_struct_na_base_pair_step.j_label_comp_id_2 
_ndb_struct_na_base_pair_step.j_label_seq_id_2 
_ndb_struct_na_base_pair_step.j_symmetry_2 
_ndb_struct_na_base_pair_step.shift 
_ndb_struct_na_base_pair_step.slide 
_ndb_struct_na_base_pair_step.rise 
_ndb_struct_na_base_pair_step.tilt 
_ndb_struct_na_base_pair_step.roll 
_ndb_struct_na_base_pair_step.twist 
_ndb_struct_na_base_pair_step.x_displacement 
_ndb_struct_na_base_pair_step.y_displacement 
_ndb_struct_na_base_pair_step.helical_rise 
_ndb_struct_na_base_pair_step.inclination 
_ndb_struct_na_base_pair_step.tip 
_ndb_struct_na_base_pair_step.helical_twist 
_ndb_struct_na_base_pair_step.step_number 
_ndb_struct_na_base_pair_step.step_name 
_ndb_struct_na_base_pair_step.i_auth_asym_id_1 
_ndb_struct_na_base_pair_step.i_auth_seq_id_1 
_ndb_struct_na_base_pair_step.i_PDB_ins_code_1 
_ndb_struct_na_base_pair_step.j_auth_asym_id_1 
_ndb_struct_na_base_pair_step.j_auth_seq_id_1 
_ndb_struct_na_base_pair_step.j_PDB_ins_code_1 
_ndb_struct_na_base_pair_step.i_auth_asym_id_2 
_ndb_struct_na_base_pair_step.i_auth_seq_id_2 
_ndb_struct_na_base_pair_step.i_PDB_ins_code_2 
_ndb_struct_na_base_pair_step.j_auth_asym_id_2 
_ndb_struct_na_base_pair_step.j_auth_seq_id_2 
_ndb_struct_na_base_pair_step.j_PDB_ins_code_2 
1 A DT 1 1_555 C DA 4 1_555 A DG 2 1_555 C DC 3 1_555 0.485  -0.917 3.172 -1.336 10.788 24.068 -4.629 -1.388 2.505 24.344 3.016  
26.376 1 AA_DT1DG2:DC15DA16_CC A 1 ? C 16 ? A 2 ? C 15 ? 
1 A DG 2 1_555 C DC 3 1_555 A DG 3 1_555 C DC 2 1_555 0.051  -1.041 3.357 1.114  8.318  34.728 -2.891 0.077  3.035 13.690 -1.834 
35.698 2 AA_DG2DG3:DC14DC15_CC A 2 ? C 15 ? A 3 ? C 14 ? 
1 A DG 3 1_555 C DC 2 1_555 A DA 4 1_555 C DT 1 1_555 -0.248 -1.483 3.438 -0.994 5.194  32.833 -3.476 0.265  3.179 9.115  1.745  
33.245 3 AA_DG3DA4:DT13DC14_CC A 3 ? C 14 ? A 4 ? C 13 ? 
1 A DA 4 1_555 C DT 1 1_555 A DG 5 1_555 B DC 4 1_555 0.082  -0.761 3.078 1.548  3.328  28.400 -2.238 0.159  2.971 6.748  -3.138 
28.632 4 AA_DA4DG5:DC12DT13_BC A 4 ? C 13 ? A 5 ? B 12 ? 
1 A DG 5 1_555 B DC 4 1_555 A DC 6 1_555 B DG 3 1_555 -0.488 -1.053 3.465 -2.748 4.725  33.667 -2.580 0.377  3.319 8.092  4.705  
34.095 5 AA_DG5DC6:DG11DC12_BB A 5 ? B 12 ? A 6 ? B 11 ? 
1 A DC 6 1_555 B DG 3 1_555 A DT 7 1_555 B DA 2 1_555 -0.266 -0.745 3.231 0.836  2.279  28.216 -2.039 0.734  3.153 4.664  -1.710 
28.318 6 AA_DC6DT7:DA10DG11_BB A 6 ? B 11 ? A 7 ? B 10 ? 
1 A DT 7 1_555 B DA 2 1_555 A DG 8 1_555 B DC 1 1_555 -0.080 -1.042 3.635 -6.563 3.523  37.720 -2.066 -0.777 3.492 5.385  10.032 
38.422 7 AA_DT7DG8:DC9DA10_BB  A 7 ? B 10 ? A 8 ? B 9  ? 
# 
_pdbx_nmr_spectrometer.spectrometer_id   1 
_pdbx_nmr_spectrometer.model             'DRX 600' 
_pdbx_nmr_spectrometer.manufacturer      Bruker 
_pdbx_nmr_spectrometer.field_strength    600 
# 
_atom_sites.entry_id                    1TAN 
_atom_sites.fract_transf_matrix[1][1]   1.000000 
_atom_sites.fract_transf_matrix[1][2]   0.000000 
_atom_sites.fract_transf_matrix[1][3]   0.000000 
_atom_sites.fract_transf_matrix[2][1]   0.000000 
_atom_sites.fract_transf_matrix[2][2]   1.000000 
_atom_sites.fract_transf_matrix[2][3]   0.000000 
_atom_sites.fract_transf_matrix[3][1]   0.000000 
_atom_sites.fract_transf_matrix[3][2]   0.000000 
_atom_sites.fract_transf_matrix[3][3]   1.000000 
_atom_sites.fract_transf_vector[1]      0.00000 
_atom_sites.fract_transf_vector[2]      0.00000 
_atom_sites.fract_transf_vector[3]      0.00000 
# 
loop_
_atom_type.symbol 
C 
H 
N 
O 
P 
# 
loop_
_atom_site.group_PDB 
_atom_site.id 
_atom_site.type_symbol 
_atom_site.label_atom_id 
_atom_site.label_alt_id 
_atom_site.label_comp_id 
_atom_site.label_asym_id 
_atom_site.label_entity_id 
_atom_site.label_seq_id 
_atom_site.pdbx_PDB_ins_code 
_atom_site.Cartn_x 
_atom_site.Cartn_y 
_atom_site.Cartn_z 
_atom_site.occupancy 
_atom_site.B_iso_or_equiv 
_atom_site.pdbx_formal_charge 
_atom_site.auth_seq_id 
_atom_site.auth_comp_id 
_atom_site.auth_asym_id 
_atom_site.auth_atom_id 
_atom_site.pdbx_PDB_model_num 
ATOM 1   O OP3    . DT A 1 1 ? -4.408  8.373   -15.687 1.00 0.00 ? 1  DT A OP3    1 
ATOM 2   P P      . DT A 1 1 ? -5.336  9.299   -14.769 1.00 0.00 ? 1  DT A P      1 
ATOM 3   O OP1    . DT A 1 1 ? -6.388  9.893   -15.624 1.00 0.00 ? 1  DT A OP1    1 
ATOM 4   O OP2    . DT A 1 1 ? -4.429  10.176  -13.998 1.00 0.00 ? 1  DT A OP2    1 
ATOM 5   O "O5'"  . DT A 1 1 ? -6.003  8.228   -13.761 1.00 0.00 ? 1  DT A "O5'"  1 
ATOM 6   C "C5'"  . DT A 1 1 ? -7.066  7.389   -14.182 1.00 0.00 ? 1  DT A "C5'"  1 
ATOM 7   C "C4'"  . DT A 1 1 ? -7.441  6.334   -13.133 1.00 0.00 ? 1  DT A "C4'"  1 
ATOM 8   O "O4'"  . DT A 1 1 ? -6.397  5.396   -12.949 1.00 0.00 ? 1  DT A "O4'"  1 
ATOM 9   C "C3'"  . DT A 1 1 ? -7.838  6.882   -11.757 1.00 0.00 ? 1  DT A "C3'"  1 
ATOM 10  O "O3'"  . DT A 1 1 ? -9.194  6.536   -11.501 1.00 0.00 ? 1  DT A "O3'"  1 
ATOM 11  C "C2'"  . DT A 1 1 ? -6.812  6.284   -10.818 1.00 0.00 ? 1  DT A "C2'"  1 
ATOM 12  C "C1'"  . DT A 1 1 ? -6.393  5.032   -11.584 1.00 0.00 ? 1  DT A "C1'"  1 
ATOM 13  N N1     . DT A 1 1 ? -5.103  4.408   -11.212 1.00 0.00 ? 1  DT A N1     1 
ATOM 14  C C2     . DT A 1 1 ? -4.963  3.024   -11.346 1.00 0.00 ? 1  DT A C2     1 
ATOM 15  O O2     . DT A 1 1 ? -5.872  2.278   -11.707 1.00 0.00 ? 1  DT A O2     1 
ATOM 16  N N3     . DT A 1 1 ? -3.702  2.513   -11.080 1.00 0.00 ? 1  DT A N3     1 
ATOM 17  C C4     . DT A 1 1 ? -2.587  3.238   -10.693 1.00 0.00 ? 1  DT A C4     1 
ATOM 18  O O4     . DT A 1 1 ? -1.513  2.656   -10.544 1.00 0.00 ? 1  DT A O4     1 
ATOM 19  C C5     . DT A 1 1 ? -2.835  4.666   -10.521 1.00 0.00 ? 1  DT A C5     1 
ATOM 20  C C7     . DT A 1 1 ? -1.713  5.578   -10.060 1.00 0.00 ? 1  DT A C7     1 
ATOM 21  C C6     . DT A 1 1 ? -4.064  5.186   -10.784 1.00 0.00 ? 1  DT A C6     1 
ATOM 22  H "H5'"  . DT A 1 1 ? -6.777  6.876   -15.101 1.00 0.00 ? 1  DT A "H5'"  1 
ATOM 23  H "H5''" . DT A 1 1 ? -7.941  8.005   -14.388 1.00 0.00 ? 1  DT A "H5''" 1 
ATOM 24  H "H4'"  . DT A 1 1 ? -8.302  5.794   -13.518 1.00 0.00 ? 1  DT A "H4'"  1 
ATOM 25  H "H3'"  . DT A 1 1 ? -7.659  7.948   -11.723 1.00 0.00 ? 1  DT A "H3'"  1 
ATOM 26  H "H2'"  . DT A 1 1 ? -6.067  7.073   -10.712 1.00 0.00 ? 1  DT A "H2'"  1 
ATOM 27  H "H2''" . DT A 1 1 ? -7.177  6.002   -9.841  1.00 0.00 ? 1  DT A "H2''" 1 
ATOM 28  H "H1'"  . DT A 1 1 ? -7.167  4.298   -11.400 1.00 0.00 ? 1  DT A "H1'"  1 
ATOM 29  H H3     . DT A 1 1 ? -3.592  1.515   -11.162 1.00 0.00 ? 1  DT A H3     1 
ATOM 30  H H71    . DT A 1 1 ? -2.074  6.600   -9.942  1.00 0.00 ? 1  DT A H71    1 
ATOM 31  H H72    . DT A 1 1 ? -1.331  5.222   -9.103  1.00 0.00 ? 1  DT A H72    1 
ATOM 32  H H73    . DT A 1 1 ? -0.909  5.563   -10.795 1.00 0.00 ? 1  DT A H73    1 
ATOM 33  H H6     . DT A 1 1 ? -4.292  6.232   -10.694 1.00 0.00 ? 1  DT A H6     1 
ATOM 34  H "HO5'" . DT A 1 1 ? -3.800  7.934   -15.089 1.00 0.00 ? 1  DT A "HO5'" 1 
ATOM 35  P P      . DG A 1 2 ? -9.947  6.802   -10.095 1.00 0.00 ? 2  DG A P      1 
ATOM 36  O OP1    . DG A 1 2 ? -11.401 6.870   -10.367 1.00 0.00 ? 2  DG A OP1    1 
ATOM 37  O OP2    . DG A 1 2 ? -9.278  7.925   -9.402  1.00 0.00 ? 2  DG A OP2    1 
ATOM 38  O "O5'"  . DG A 1 2 ? -9.635  5.431   -9.295  1.00 0.00 ? 2  DG A "O5'"  1 
ATOM 39  C "C5'"  . DG A 1 2 ? -10.235 4.207   -9.687  1.00 0.00 ? 2  DG A "C5'"  1 
ATOM 40  C "C4'"  . DG A 1 2 ? -9.720  3.000   -8.892  1.00 0.00 ? 2  DG A "C4'"  1 
ATOM 41  O "O4'"  . DG A 1 2 ? -8.342  2.730   -9.139  1.00 0.00 ? 2  DG A "O4'"  1 
ATOM 42  C "C3'"  . DG A 1 2 ? -9.912  3.133   -7.369  1.00 0.00 ? 2  DG A "C3'"  1 
ATOM 43  O "O3'"  . DG A 1 2 ? -10.596 1.980   -6.913  1.00 0.00 ? 2  DG A "O3'"  1 
ATOM 44  C "C2'"  . DG A 1 2 ? -8.462  3.233   -6.897  1.00 0.00 ? 2  DG A "C2'"  1 
ATOM 45  C "C1'"  . DG A 1 2 ? -7.790  2.300   -7.909  1.00 0.00 ? 2  DG A "C1'"  1 
ATOM 46  N N9     . DG A 1 2 ? -6.314  2.250   -7.901  1.00 0.00 ? 2  DG A N9     1 
ATOM 47  C C8     . DG A 1 2 ? -5.454  3.281   -7.701  1.00 0.00 ? 2  DG A C8     1 
ATOM 48  N N7     . DG A 1 2 ? -4.192  2.962   -7.703  1.00 0.00 ? 2  DG A N7     1 
ATOM 49  C C5     . DG A 1 2 ? -4.214  1.576   -7.854  1.00 0.00 ? 2  DG A C5     1 
ATOM 50  C C6     . DG A 1 2 ? -3.137  0.632   -7.876  1.00 0.00 ? 2  DG A C6     1 
ATOM 51  O O6     . DG A 1 2 ? -1.929  0.853   -7.834  1.00 0.00 ? 2  DG A O6     1 
ATOM 52  N N1     . DG A 1 2 ? -3.577  -0.688  -7.953  1.00 0.00 ? 2  DG A N1     1 
ATOM 53  C C2     . DG A 1 2 ? -4.906  -1.050  -8.043  1.00 0.00 ? 2  DG A C2     1 
ATOM 54  N N2     . DG A 1 2 ? -5.165  -2.354  -8.092  1.00 0.00 ? 2  DG A N2     1 
ATOM 55  N N3     . DG A 1 2 ? -5.922  -0.171  -8.075  1.00 0.00 ? 2  DG A N3     1 
ATOM 56  C C4     . DG A 1 2 ? -5.515  1.128   -7.962  1.00 0.00 ? 2  DG A C4     1 
ATOM 57  H "H5'"  . DG A 1 2 ? -10.056 4.032   -10.747 1.00 0.00 ? 2  DG A "H5'"  1 
ATOM 58  H "H5''" . DG A 1 2 ? -11.312 4.284   -9.534  1.00 0.00 ? 2  DG A "H5''" 1 
ATOM 59  H "H4'"  . DG A 1 2 ? -10.288 2.139   -9.235  1.00 0.00 ? 2  DG A "H4'"  1 
ATOM 60  H "H3'"  . DG A 1 2 ? -10.474 4.033   -7.113  1.00 0.00 ? 2  DG A "H3'"  1 
ATOM 61  H "H2'"  . DG A 1 2 ? -8.208  4.282   -7.027  1.00 0.00 ? 2  DG A "H2'"  1 
ATOM 62  H "H2''" . DG A 1 2 ? -8.265  2.943   -5.869  1.00 0.00 ? 2  DG A "H2''" 1 
ATOM 63  H "H1'"  . DG A 1 2 ? -8.102  1.290   -7.693  1.00 0.00 ? 2  DG A "H1'"  1 
ATOM 64  H H8     . DG A 1 2 ? -5.854  4.258   -7.560  1.00 0.00 ? 2  DG A H8     1 
ATOM 65  H H1     . DG A 1 2 ? -2.872  -1.412  -7.933  1.00 0.00 ? 2  DG A H1     1 
ATOM 66  H H21    . DG A 1 2 ? -4.411  -3.026  -8.040  1.00 0.00 ? 2  DG A H21    1 
ATOM 67  H H22    . DG A 1 2 ? -6.124  -2.658  -8.117  1.00 0.00 ? 2  DG A H22    1 
ATOM 68  P P      . DG A 1 3 ? -11.161 1.823   -5.409  1.00 0.00 ? 3  DG A P      1 
ATOM 69  O OP1    . DG A 1 3 ? -12.618 1.566   -5.493  1.00 0.00 ? 3  DG A OP1    1 
ATOM 70  O OP2    . DG A 1 3 ? -10.657 2.933   -4.571  1.00 0.00 ? 3  DG A OP2    1 
ATOM 71  O "O5'"  . DG A 1 3 ? -10.417 0.465   -4.967  1.00 0.00 ? 3  DG A "O5'"  1 
ATOM 72  C "C5'"  . DG A 1 3 ? -10.752 -0.766  -5.584  1.00 0.00 ? 3  DG A "C5'"  1 
ATOM 73  C "C4'"  . DG A 1 3 ? -9.891  -1.924  -5.080  1.00 0.00 ? 3  DG A "C4'"  1 
ATOM 74  O "O4'"  . DG A 1 3 ? -8.540  -1.749  -5.484  1.00 0.00 ? 3  DG A "O4'"  1 
ATOM 75  C "C3'"  . DG A 1 3 ? -9.932  -2.092  -3.557  1.00 0.00 ? 3  DG A "C3'"  1 
ATOM 76  O "O3'"  . DG A 1 3 ? -10.289 -3.442  -3.273  1.00 0.00 ? 3  DG A "O3'"  1 
ATOM 77  C "C2'"  . DG A 1 3 ? -8.506  -1.756  -3.127  1.00 0.00 ? 3  DG A "C2'"  1 
ATOM 78  C "C1'"  . DG A 1 3 ? -7.681  -2.025  -4.392  1.00 0.00 ? 3  DG A "C1'"  1 
ATOM 79  N N9     . DG A 1 3 ? -6.474  -1.189  -4.509  1.00 0.00 ? 3  DG A N9     1 
ATOM 80  C C8     . DG A 1 3 ? -6.409  0.169   -4.593  1.00 0.00 ? 3  DG A C8     1 
ATOM 81  N N7     . DG A 1 3 ? -5.196  0.649   -4.638  1.00 0.00 ? 3  DG A N7     1 
ATOM 82  C C5     . DG A 1 3 ? -4.388  -0.491  -4.619  1.00 0.00 ? 3  DG A C5     1 
ATOM 83  C C6     . DG A 1 3 ? -2.959  -0.634  -4.658  1.00 0.00 ? 3  DG A C6     1 
ATOM 84  O O6     . DG A 1 3 ? -2.099  0.243   -4.689  1.00 0.00 ? 3  DG A O6     1 
ATOM 85  N N1     . DG A 1 3 ? -2.550  -1.967  -4.673  1.00 0.00 ? 3  DG A N1     1 
ATOM 86  C C2     . DG A 1 3 ? -3.417  -3.040  -4.653  1.00 0.00 ? 3  DG A C2     1 
ATOM 87  N N2     . DG A 1 3 ? -2.880  -4.257  -4.653  1.00 0.00 ? 3  DG A N2     1 
ATOM 88  N N3     . DG A 1 3 ? -4.752  -2.921  -4.606  1.00 0.00 ? 3  DG A N3     1 
ATOM 89  C C4     . DG A 1 3 ? -5.173  -1.624  -4.584  1.00 0.00 ? 3  DG A C4     1 
ATOM 90  H "H5'"  . DG A 1 3 ? -10.624 -0.679  -6.663  1.00 0.00 ? 3  DG A "H5'"  1 
ATOM 91  H "H5''" . DG A 1 3 ? -11.798 -0.993  -5.374  1.00 0.00 ? 3  DG A "H5''" 1 
ATOM 92  H "H4'"  . DG A 1 3 ? -10.279 -2.834  -5.546  1.00 0.00 ? 3  DG A "H4'"  1 
ATOM 93  H "H3'"  . DG A 1 3 ? -10.643 -1.403  -3.098  1.00 0.00 ? 3  DG A "H3'"  1 
ATOM 94  H "H2'"  . DG A 1 3 ? -8.389  -0.726  -2.802  1.00 0.00 ? 3  DG A "H2'"  1 
ATOM 95  H "H2''" . DG A 1 3 ? -8.252  -2.381  -2.289  1.00 0.00 ? 3  DG A "H2''" 1 
ATOM 96  H "H1'"  . DG A 1 3 ? -7.345  -3.050  -4.417  1.00 0.00 ? 3  DG A "H1'"  1 
ATOM 97  H H8     . DG A 1 3 ? -7.327  0.733   -4.620  1.00 0.00 ? 3  DG A H8     1 
ATOM 98  H H1     . DG A 1 3 ? -1.555  -2.144  -4.680  1.00 0.00 ? 3  DG A H1     1 
ATOM 99  H H21    . DG A 1 3 ? -1.876  -4.368  -4.638  1.00 0.00 ? 3  DG A H21    1 
ATOM 100 H H22    . DG A 1 3 ? -3.488  -5.058  -4.612  1.00 0.00 ? 3  DG A H22    1 
ATOM 101 P P      . DA A 1 4 ? -10.511 -4.016  -1.771  1.00 0.00 ? 4  DA A P      1 
ATOM 102 O OP1    . DA A 1 4 ? -11.346 -5.235  -1.880  1.00 0.00 ? 4  DA A OP1    1 
ATOM 103 O OP2    . DA A 1 4 ? -10.961 -2.905  -0.904  1.00 0.00 ? 4  DA A OP2    1 
ATOM 104 O "O5'"  . DA A 1 4 ? -9.019  -4.454  -1.316  1.00 0.00 ? 4  DA A "O5'"  1 
ATOM 105 C "C5'"  . DA A 1 4 ? -8.385  -5.573  -1.905  1.00 0.00 ? 4  DA A "C5'"  1 
ATOM 106 C "C4'"  . DA A 1 4 ? -6.945  -5.825  -1.435  1.00 0.00 ? 4  DA A "C4'"  1 
ATOM 107 O "O4'"  . DA A 1 4 ? -5.938  -5.025  -2.038  1.00 0.00 ? 4  DA A "O4'"  1 
ATOM 108 C "C3'"  . DA A 1 4 ? -6.679  -5.849  0.068   1.00 0.00 ? 4  DA A "C3'"  1 
ATOM 109 O "O3'"  . DA A 1 4 ? -6.604  -7.181  0.558   1.00 0.00 ? 4  DA A "O3'"  1 
ATOM 110 C "C2'"  . DA A 1 4 ? -5.438  -4.995  0.239   1.00 0.00 ? 4  DA A "C2'"  1 
ATOM 111 C "C1'"  . DA A 1 4 ? -4.827  -4.944  -1.151  1.00 0.00 ? 4  DA A "C1'"  1 
ATOM 112 N N9     . DA A 1 4 ? -4.190  -3.620  -1.289  1.00 0.00 ? 4  DA A N9     1 
ATOM 113 C C8     . DA A 1 4 ? -4.834  -2.412  -1.276  1.00 0.00 ? 4  DA A C8     1 
ATOM 114 N N7     . DA A 1 4 ? -4.045  -1.377  -1.328  1.00 0.00 ? 4  DA A N7     1 
ATOM 115 C C5     . DA A 1 4 ? -2.772  -1.948  -1.336  1.00 0.00 ? 4  DA A C5     1 
ATOM 116 C C6     . DA A 1 4 ? -1.468  -1.404  -1.362  1.00 0.00 ? 4  DA A C6     1 
ATOM 117 N N6     . DA A 1 4 ? -1.229  -0.094  -1.443  1.00 0.00 ? 4  DA A N6     1 
ATOM 118 N N1     . DA A 1 4 ? -0.410  -2.235  -1.301  1.00 0.00 ? 4  DA A N1     1 
ATOM 119 C C2     . DA A 1 4 ? -0.633  -3.547  -1.238  1.00 0.00 ? 4  DA A C2     1 
ATOM 120 N N3     . DA A 1 4 ? -1.800  -4.191  -1.229  1.00 0.00 ? 4  DA A N3     1 
ATOM 121 C C4     . DA A 1 4 ? -2.849  -3.321  -1.281  1.00 0.00 ? 4  DA A C4     1 
ATOM 122 H "H5'"  . DA A 1 4 ? -8.382  -5.461  -2.989  1.00 0.00 ? 4  DA A "H5'"  1 
ATOM 123 H "H5''" . DA A 1 4 ? -8.973  -6.458  -1.660  1.00 0.00 ? 4  DA A "H5''" 1 
ATOM 124 H "H4'"  . DA A 1 4 ? -6.735  -6.840  -1.761  1.00 0.00 ? 4  DA A "H4'"  1 
ATOM 125 H "H3'"  . DA A 1 4 ? -7.450  -5.283  0.566   1.00 0.00 ? 4  DA A "H3'"  1 
ATOM 126 H "H2'"  . DA A 1 4 ? -5.672  -3.996  0.623   1.00 0.00 ? 4  DA A "H2'"  1 
ATOM 127 H "H2''" . DA A 1 4 ? -4.754  -5.516  0.889   1.00 0.00 ? 4  DA A "H2''" 1 
ATOM 128 H "H1'"  . DA A 1 4 ? -4.114  -5.755  -1.300  1.00 0.00 ? 4  DA A "H1'"  1 
ATOM 129 H H8     . DA A 1 4 ? -5.912  -2.377  -1.197  1.00 0.00 ? 4  DA A H8     1 
ATOM 130 H H61    . DA A 1 4 ? -0.279  0.248   -1.461  1.00 0.00 ? 4  DA A H61    1 
ATOM 131 H H62    . DA A 1 4 ? -2.007  0.545   -1.488  1.00 0.00 ? 4  DA A H62    1 
ATOM 132 H H2     . DA A 1 4 ? 0.249   -4.170  -1.195  1.00 0.00 ? 4  DA A H2     1 
ATOM 133 P P      . DG A 1 5 ? -6.717  -7.545  2.134   1.00 0.00 ? 5  DG A P      1 
ATOM 134 O OP1    . DG A 1 5 ? -7.007  -8.993  2.244   1.00 0.00 ? 5  DG A OP1    1 
ATOM 135 O OP2    . DG A 1 5 ? -7.616  -6.571  2.792   1.00 0.00 ? 5  DG A OP2    1 
ATOM 136 O "O5'"  . DG A 1 5 ? -5.218  -7.289  2.667   1.00 0.00 ? 5  DG A "O5'"  1 
ATOM 137 C "C5'"  . DG A 1 5 ? -4.154  -8.112  2.230   1.00 0.00 ? 5  DG A "C5'"  1 
ATOM 138 C "C4'"  . DG A 1 5 ? -2.803  -7.643  2.769   1.00 0.00 ? 5  DG A "C4'"  1 
ATOM 139 O "O4'"  . DG A 1 5 ? -2.396  -6.409  2.214   1.00 0.00 ? 5  DG A "O4'"  1 
ATOM 140 C "C3'"  . DG A 1 5 ? -2.698  -7.547  4.291   1.00 0.00 ? 5  DG A "C3'"  1 
ATOM 141 O "O3'"  . DG A 1 5 ? -1.744  -8.504  4.739   1.00 0.00 ? 5  DG A "O3'"  1 
ATOM 142 C "C2'"  . DG A 1 5 ? -2.312  -6.089  4.524   1.00 0.00 ? 5  DG A "C2'"  1 
ATOM 143 C "C1'"  . DG A 1 5 ? -1.715  -5.665  3.206   1.00 0.00 ? 5  DG A "C1'"  1 
ATOM 144 N N9     . DG A 1 5 ? -1.888  -4.238  2.862   1.00 0.00 ? 5  DG A N9     1 
ATOM 145 C C8     . DG A 1 5 ? -3.053  -3.516  2.789   1.00 0.00 ? 5  DG A C8     1 
ATOM 146 N N7     . DG A 1 5 ? -2.879  -2.265  2.460   1.00 0.00 ? 5  DG A N7     1 
ATOM 147 C C5     . DG A 1 5 ? -1.497  -2.148  2.284   1.00 0.00 ? 5  DG A C5     1 
ATOM 148 C C6     . DG A 1 5 ? -0.686  -1.011  1.953   1.00 0.00 ? 5  DG A C6     1 
ATOM 149 O O6     . DG A 1 5 ? -1.044  0.146   1.745   1.00 0.00 ? 5  DG A O6     1 
ATOM 150 N N1     . DG A 1 5 ? 0.675   -1.310  1.904   1.00 0.00 ? 5  DG A N1     1 
ATOM 151 C C2     . DG A 1 5 ? 1.191   -2.571  2.119   1.00 0.00 ? 5  DG A C2     1 
ATOM 152 N N2     . DG A 1 5 ? 2.514   -2.699  2.064   1.00 0.00 ? 5  DG A N2     1 
ATOM 153 N N3     . DG A 1 5 ? 0.446   -3.643  2.424   1.00 0.00 ? 5  DG A N3     1 
ATOM 154 C C4     . DG A 1 5 ? -0.889  -3.366  2.499   1.00 0.00 ? 5  DG A C4     1 
ATOM 155 H "H5'"  . DG A 1 5 ? -4.115  -8.109  1.140   1.00 0.00 ? 5  DG A "H5'"  1 
ATOM 156 H "H5''" . DG A 1 5 ? -4.331  -9.133  2.572   1.00 0.00 ? 5  DG A "H5''" 1 
ATOM 157 H "H4'"  . DG A 1 5 ? -2.067  -8.371  2.446   1.00 0.00 ? 5  DG A "H4'"  1 
ATOM 158 H "H3'"  . DG A 1 5 ? -3.665  -7.730  4.742   1.00 0.00 ? 5  DG A "H3'"  1 
ATOM 159 H "H2'"  . DG A 1 5 ? -3.108  -5.435  4.782   1.00 0.00 ? 5  DG A "H2'"  1 
ATOM 160 H "H2''" . DG A 1 5 ? -1.601  -6.037  5.327   1.00 0.00 ? 5  DG A "H2''" 1 
ATOM 161 H "H1'"  . DG A 1 5 ? -0.677  -5.907  3.297   1.00 0.00 ? 5  DG A "H1'"  1 
ATOM 162 H H8     . DG A 1 5 ? -4.021  -3.964  2.991   1.00 0.00 ? 5  DG A H8     1 
ATOM 163 H H1     . DG A 1 5 ? 1.317   -0.553  1.708   1.00 0.00 ? 5  DG A H1     1 
ATOM 164 H H21    . DG A 1 5 ? 3.099   -1.899  1.864   1.00 0.00 ? 5  DG A H21    1 
ATOM 165 H H22    . DG A 1 5 ? 2.923   -3.607  2.216   1.00 0.00 ? 5  DG A H22    1 
ATOM 166 P P      . DC A 1 6 ? -1.317  -8.696  6.289   1.00 0.00 ? 6  DC A P      1 
ATOM 167 O OP1    . DC A 1 6 ? -0.981  -10.123 6.499   1.00 0.00 ? 6  DC A OP1    1 
ATOM 168 O OP2    . DC A 1 6 ? -2.323  -8.046  7.157   1.00 0.00 ? 6  DC A OP2    1 
ATOM 169 O "O5'"  . DC A 1 6 ? 0.047   -7.834  6.352   1.00 0.00 ? 6  DC A "O5'"  1 
ATOM 170 C "C5'"  . DC A 1 6 ? 1.207   -8.261  5.656   1.00 0.00 ? 6  DC A "C5'"  1 
ATOM 171 C "C4'"  . DC A 1 6 ? 2.384   -7.297  5.829   1.00 0.00 ? 6  DC A "C4'"  1 
ATOM 172 O "O4'"  . DC A 1 6 ? 2.138   -6.059  5.187   1.00 0.00 ? 6  DC A "O4'"  1 
ATOM 173 C "C3'"  . DC A 1 6 ? 2.762   -7.017  7.286   1.00 0.00 ? 6  DC A "C3'"  1 
ATOM 174 O "O3'"  . DC A 1 6 ? 4.045   -7.556  7.581   1.00 0.00 ? 6  DC A "O3'"  1 
ATOM 175 C "C2'"  . DC A 1 6 ? 2.638   -5.511  7.400   1.00 0.00 ? 6  DC A "C2'"  1 
ATOM 176 C "C1'"  . DC A 1 6 ? 2.696   -5.019  5.975   1.00 0.00 ? 6  DC A "C1'"  1 
ATOM 177 N N1     . DC A 1 6 ? 1.848   -3.816  5.803   1.00 0.00 ? 6  DC A N1     1 
ATOM 178 C C2     . DC A 1 6 ? 2.399   -2.544  5.609   1.00 0.00 ? 6  DC A C2     1 
ATOM 179 O O2     . DC A 1 6 ? 3.616   -2.366  5.633   1.00 0.00 ? 6  DC A O2     1 
ATOM 180 N N3     . DC A 1 6 ? 1.551   -1.490  5.409   1.00 0.00 ? 6  DC A N3     1 
ATOM 181 C C4     . DC A 1 6 ? 0.221   -1.675  5.399   1.00 0.00 ? 6  DC A C4     1 
ATOM 182 N N4     . DC A 1 6 ? -0.567  -0.625  5.187   1.00 0.00 ? 6  DC A N4     1 
ATOM 183 C C5     . DC A 1 6 ? -0.359  -2.972  5.618   1.00 0.00 ? 6  DC A C5     1 
ATOM 184 C C6     . DC A 1 6 ? 0.496   -3.993  5.832   1.00 0.00 ? 6  DC A C6     1 
ATOM 185 H "H5'"  . DC A 1 6 ? 0.979   -8.350  4.593   1.00 0.00 ? 6  DC A "H5'"  1 
ATOM 186 H "H5''" . DC A 1 6 ? 1.503   -9.240  6.031   1.00 0.00 ? 6  DC A "H5''" 1 
ATOM 187 H "H4'"  . DC A 1 6 ? 3.251   -7.749  5.354   1.00 0.00 ? 6  DC A "H4'"  1 
ATOM 188 H "H3'"  . DC A 1 6 ? 2.004   -7.425  7.939   1.00 0.00 ? 6  DC A "H3'"  1 
ATOM 189 H "H2'"  . DC A 1 6 ? 1.739   -5.186  7.917   1.00 0.00 ? 6  DC A "H2'"  1 
ATOM 190 H "H2''" . DC A 1 6 ? 3.530   -5.150  7.879   1.00 0.00 ? 6  DC A "H2''" 1 
ATOM 191 H "H1'"  . DC A 1 6 ? 3.718   -4.806  5.751   1.00 0.00 ? 6  DC A "H1'"  1 
ATOM 192 H H41    . DC A 1 6 ? -0.158  0.282   5.016   1.00 0.00 ? 6  DC A H41    1 
ATOM 193 H H42    . DC A 1 6 ? -1.566  -0.748  5.146   1.00 0.00 ? 6  DC A H42    1 
ATOM 194 H H5     . DC A 1 6 ? -1.409  -3.207  5.610   1.00 0.00 ? 6  DC A H5     1 
ATOM 195 H H6     . DC A 1 6 ? 0.146   -4.989  6.051   1.00 0.00 ? 6  DC A H6     1 
ATOM 196 P P      . DT A 1 7 ? 4.623   -7.683  9.090   1.00 0.00 ? 7  DT A P      1 
ATOM 197 O OP1    . DT A 1 7 ? 5.751   -8.643  9.072   1.00 0.00 ? 7  DT A OP1    1 
ATOM 198 O OP2    . DT A 1 7 ? 3.496   -7.904  10.023  1.00 0.00 ? 7  DT A OP2    1 
ATOM 199 O "O5'"  . DT A 1 7 ? 5.219   -6.213  9.364   1.00 0.00 ? 7  DT A "O5'"  1 
ATOM 200 C "C5'"  . DT A 1 7 ? 6.361   -5.748  8.667   1.00 0.00 ? 7  DT A "C5'"  1 
ATOM 201 C "C4'"  . DT A 1 7 ? 6.615   -4.264  8.939   1.00 0.00 ? 7  DT A "C4'"  1 
ATOM 202 O "O4'"  . DT A 1 7 ? 5.622   -3.446  8.352   1.00 0.00 ? 7  DT A "O4'"  1 
ATOM 203 C "C3'"  . DT A 1 7 ? 6.728   -3.888  10.422  1.00 0.00 ? 7  DT A "C3'"  1 
ATOM 204 O "O3'"  . DT A 1 7 ? 8.067   -3.502  10.730  1.00 0.00 ? 7  DT A "O3'"  1 
ATOM 205 C "C2'"  . DT A 1 7 ? 5.711   -2.755  10.570  1.00 0.00 ? 7  DT A "C2'"  1 
ATOM 206 C "C1'"  . DT A 1 7 ? 5.488   -2.287  9.148   1.00 0.00 ? 7  DT A "C1'"  1 
ATOM 207 N N1     . DT A 1 7 ? 4.135   -1.714  8.976   1.00 0.00 ? 7  DT A N1     1 
ATOM 208 C C2     . DT A 1 7 ? 3.981   -0.362  8.658   1.00 0.00 ? 7  DT A C2     1 
ATOM 209 O O2     . DT A 1 7 ? 4.925   0.417   8.530   1.00 0.00 ? 7  DT A O2     1 
ATOM 210 N N3     . DT A 1 7 ? 2.674   0.082   8.506   1.00 0.00 ? 7  DT A N3     1 
ATOM 211 C C4     . DT A 1 7 ? 1.527   -0.685  8.677   1.00 0.00 ? 7  DT A C4     1 
ATOM 212 O O4     . DT A 1 7 ? 0.422   -0.169  8.518   1.00 0.00 ? 7  DT A O4     1 
ATOM 213 C C5     . DT A 1 7 ? 1.783   -2.072  9.051   1.00 0.00 ? 7  DT A C5     1 
ATOM 214 C C7     . DT A 1 7 ? 0.642   -3.038  9.285   1.00 0.00 ? 7  DT A C7     1 
ATOM 215 C C6     . DT A 1 7 ? 3.052   -2.529  9.183   1.00 0.00 ? 7  DT A C6     1 
ATOM 216 H "H5'"  . DT A 1 7 ? 6.218   -5.888  7.595   1.00 0.00 ? 7  DT A "H5'"  1 
ATOM 217 H "H5''" . DT A 1 7 ? 7.231   -6.323  8.985   1.00 0.00 ? 7  DT A "H5''" 1 
ATOM 218 H "H4'"  . DT A 1 7 ? 7.554   -3.988  8.459   1.00 0.00 ? 7  DT A "H4'"  1 
ATOM 219 H "H3'"  . DT A 1 7 ? 6.409   -4.741  11.023  1.00 0.00 ? 7  DT A "H3'"  1 
ATOM 220 H "H2'"  . DT A 1 7 ? 4.777   -3.020  11.051  1.00 0.00 ? 7  DT A "H2'"  1 
ATOM 221 H "H2''" . DT A 1 7 ? 6.153   -1.956  11.127  1.00 0.00 ? 7  DT A "H2''" 1 
ATOM 222 H "H1'"  . DT A 1 7 ? 6.256   -1.574  8.913   1.00 0.00 ? 7  DT A "H1'"  1 
ATOM 223 H H3     . DT A 1 7 ? 2.544   1.051   8.257   1.00 0.00 ? 7  DT A H3     1 
ATOM 224 H H71    . DT A 1 7 ? 0.993   -3.902  9.850   1.00 0.00 ? 7  DT A H71    1 
ATOM 225 H H72    . DT A 1 7 ? -0.165  -2.545  9.827   1.00 0.00 ? 7  DT A H72    1 
ATOM 226 H H73    . DT A 1 7 ? 0.279   -3.387  8.323   1.00 0.00 ? 7  DT A H73    1 
ATOM 227 H H6     . DT A 1 7 ? 3.262   -3.556  9.466   1.00 0.00 ? 7  DT A H6     1 
ATOM 228 P P      . DG A 1 8 ? 8.554   -3.019  12.204  1.00 0.00 ? 8  DG A P      1 
ATOM 229 O OP1    . DG A 1 8 ? 10.016  -3.229  12.298  1.00 0.00 ? 8  DG A OP1    1 
ATOM 230 O OP2    . DG A 1 8 ? 7.667   -3.617  13.226  1.00 0.00 ? 8  DG A OP2    1 
ATOM 231 O "O5'"  . DG A 1 8 ? 8.288   -1.422  12.189  1.00 0.00 ? 8  DG A "O5'"  1 
ATOM 232 C "C5'"  . DG A 1 8 ? 9.005   -0.572  11.311  1.00 0.00 ? 8  DG A "C5'"  1 
ATOM 233 C "C4'"  . DG A 1 8 ? 8.640   0.909   11.476  1.00 0.00 ? 8  DG A "C4'"  1 
ATOM 234 O "O4'"  . DG A 1 8 ? 7.382   1.252   10.947  1.00 0.00 ? 8  DG A "O4'"  1 
ATOM 235 C "C3'"  . DG A 1 8 ? 8.701   1.462   12.898  1.00 0.00 ? 8  DG A "C3'"  1 
ATOM 236 O "O3'"  . DG A 1 8 ? 9.658   2.491   13.073  1.00 0.00 ? 8  DG A "O3'"  1 
ATOM 237 C "C2'"  . DG A 1 8 ? 7.294   1.901   13.205  1.00 0.00 ? 8  DG A "C2'"  1 
ATOM 238 C "C1'"  . DG A 1 8 ? 6.789   2.209   11.808  1.00 0.00 ? 8  DG A "C1'"  1 
ATOM 239 N N9     . DG A 1 8 ? 5.356   1.955   11.747  1.00 0.00 ? 8  DG A N9     1 
ATOM 240 C C8     . DG A 1 8 ? 4.861   0.730   11.976  1.00 0.00 ? 8  DG A C8     1 
ATOM 241 N N7     . DG A 1 8 ? 3.565   0.632   11.904  1.00 0.00 ? 8  DG A N7     1 
ATOM 242 C C5     . DG A 1 8 ? 3.176   1.948   11.615  1.00 0.00 ? 8  DG A C5     1 
ATOM 243 C C6     . DG A 1 8 ? 1.870   2.517   11.456  1.00 0.00 ? 8  DG A C6     1 
ATOM 244 O O6     . DG A 1 8 ? 0.782   1.948   11.485  1.00 0.00 ? 8  DG A O6     1 
ATOM 245 N N1     . DG A 1 8 ? 1.903   3.903   11.309  1.00 0.00 ? 8  DG A N1     1 
ATOM 246 C C2     . DG A 1 8 ? 3.064   4.646   11.218  1.00 0.00 ? 8  DG A C2     1 
ATOM 247 N N2     . DG A 1 8 ? 2.930   5.951   11.000  1.00 0.00 ? 8  DG A N2     1 
ATOM 248 N N3     . DG A 1 8 ? 4.296   4.125   11.339  1.00 0.00 ? 8  DG A N3     1 
ATOM 249 C C4     . DG A 1 8 ? 4.280   2.777   11.544  1.00 0.00 ? 8  DG A C4     1 
ATOM 250 H "H5'"  . DG A 1 8 ? 8.817   -0.871  10.279  1.00 0.00 ? 8  DG A "H5'"  1 
ATOM 251 H "H5''" . DG A 1 8 ? 10.070  -0.686  11.512  1.00 0.00 ? 8  DG A "H5''" 1 
ATOM 252 H "H4'"  . DG A 1 8 ? 9.351   1.469   10.898  1.00 0.00 ? 8  DG A "H4'"  1 
ATOM 253 H "H3'"  . DG A 1 8 ? 8.860   0.624   13.546  1.00 0.00 ? 8  DG A "H3'"  1 
ATOM 254 H "HO3'" . DG A 1 8 ? 10.516  2.153   12.807  1.00 0.00 ? 8  DG A "HO3'" 1 
ATOM 255 H "H2'"  . DG A 1 8 ? 6.755   1.087   13.674  1.00 0.00 ? 8  DG A "H2'"  1 
ATOM 256 H "H2''" . DG A 1 8 ? 7.268   2.787   13.843  1.00 0.00 ? 8  DG A "H2''" 1 
ATOM 257 H "H1'"  . DG A 1 8 ? 7.047   3.194   11.541  1.00 0.00 ? 8  DG A "H1'"  1 
ATOM 258 H H8     . DG A 1 8 ? 5.667   0.043   12.204  1.00 0.00 ? 8  DG A H8     1 
ATOM 259 H H1     . DG A 1 8 ? 1.018   4.379   11.199  1.00 0.00 ? 8  DG A H1     1 
ATOM 260 H H21    . DG A 1 8 ? 2.010   6.360   10.901  1.00 0.00 ? 8  DG A H21    1 
ATOM 261 H H22    . DG A 1 8 ? 3.755   6.514   10.869  1.00 0.00 ? 8  DG A H22    1 
ATOM 262 O OP3    . DC B 2 1 ? -7.398  9.270   8.224   1.00 0.00 ? 9  DC B OP3    1 
ATOM 263 P P      . DC B 2 1 ? -6.986  8.636   9.633   1.00 0.00 ? 9  DC B P      1 
ATOM 264 O OP1    . DC B 2 1 ? -7.041  7.166   9.495   1.00 0.00 ? 9  DC B OP1    1 
ATOM 265 O OP2    . DC B 2 1 ? -7.776  9.304   10.694  1.00 0.00 ? 9  DC B OP2    1 
ATOM 266 O "O5'"  . DC B 2 1 ? -5.437  9.069   9.774   1.00 0.00 ? 9  DC B "O5'"  1 
ATOM 267 C "C5'"  . DC B 2 1 ? -5.073  10.371  10.189  1.00 0.00 ? 9  DC B "C5'"  1 
ATOM 268 C "C4'"  . DC B 2 1 ? -3.568  10.509  10.448  1.00 0.00 ? 9  DC B "C4'"  1 
ATOM 269 O "O4'"  . DC B 2 1 ? -3.120  9.555   11.398  1.00 0.00 ? 9  DC B "O4'"  1 
ATOM 270 C "C3'"  . DC B 2 1 ? -2.666  10.457  9.206   1.00 0.00 ? 9  DC B "C3'"  1 
ATOM 271 O "O3'"  . DC B 2 1 ? -1.860  11.626  9.169   1.00 0.00 ? 9  DC B "O3'"  1 
ATOM 272 C "C2'"  . DC B 2 1 ? -1.888  9.179   9.432   1.00 0.00 ? 9  DC B "C2'"  1 
ATOM 273 C "C1'"  . DC B 2 1 ? -1.906  8.982   10.941  1.00 0.00 ? 9  DC B "C1'"  1 
ATOM 274 N N1     . DC B 2 1 ? -1.908  7.515   11.183  1.00 0.00 ? 9  DC B N1     1 
ATOM 275 C C2     . DC B 2 1 ? -0.689  6.838   11.312  1.00 0.00 ? 9  DC B C2     1 
ATOM 276 O O2     . DC B 2 1 ? 0.370   7.452   11.427  1.00 0.00 ? 9  DC B O2     1 
ATOM 277 N N3     . DC B 2 1 ? -0.693  5.473   11.324  1.00 0.00 ? 9  DC B N3     1 
ATOM 278 C C4     . DC B 2 1 ? -1.841  4.792   11.218  1.00 0.00 ? 9  DC B C4     1 
ATOM 279 N N4     . DC B 2 1 ? -1.794  3.462   11.207  1.00 0.00 ? 9  DC B N4     1 
ATOM 280 C C5     . DC B 2 1 ? -3.104  5.460   11.077  1.00 0.00 ? 9  DC B C5     1 
ATOM 281 C C6     . DC B 2 1 ? -3.084  6.816   11.052  1.00 0.00 ? 9  DC B C6     1 
ATOM 282 H "H5'"  . DC B 2 1 ? -5.594  10.606  11.119  1.00 0.00 ? 9  DC B "H5'"  1 
ATOM 283 H "H5''" . DC B 2 1 ? -5.375  11.094  9.430   1.00 0.00 ? 9  DC B "H5''" 1 
ATOM 284 H "H4'"  . DC B 2 1 ? -3.435  11.478  10.905  1.00 0.00 ? 9  DC B "H4'"  1 
ATOM 285 H "H3'"  . DC B 2 1 ? -3.228  10.331  8.283   1.00 0.00 ? 9  DC B "H3'"  1 
ATOM 286 H "H2'"  . DC B 2 1 ? -2.409  8.365   8.923   1.00 0.00 ? 9  DC B "H2'"  1 
ATOM 287 H "H2''" . DC B 2 1 ? -0.863  9.273   9.092   1.00 0.00 ? 9  DC B "H2''" 1 
ATOM 288 H "H1'"  . DC B 2 1 ? -1.050  9.473   11.407  1.00 0.00 ? 9  DC B "H1'"  1 
ATOM 289 H H41    . DC B 2 1 ? -0.898  2.997   11.257  1.00 0.00 ? 9  DC B H41    1 
ATOM 290 H H42    . DC B 2 1 ? -2.638  2.929   11.072  1.00 0.00 ? 9  DC B H42    1 
ATOM 291 H H5     . DC B 2 1 ? -4.043  4.941   10.952  1.00 0.00 ? 9  DC B H5     1 
ATOM 292 H H6     . DC B 2 1 ? -3.992  7.384   10.889  1.00 0.00 ? 9  DC B H6     1 
ATOM 293 H "HO5'" . DC B 2 1 ? -6.835  8.854   7.569   1.00 0.00 ? 9  DC B "HO5'" 1 
ATOM 294 P P      . DA B 2 2 ? -1.174  12.167  7.805   1.00 0.00 ? 10 DA B P      1 
ATOM 295 O OP1    . DA B 2 2 ? -0.660  13.528  8.086   1.00 0.00 ? 10 DA B OP1    1 
ATOM 296 O OP2    . DA B 2 2 ? -2.131  11.970  6.694   1.00 0.00 ? 10 DA B OP2    1 
ATOM 297 O "O5'"  . DA B 2 2 ? 0.085   11.183  7.577   1.00 0.00 ? 10 DA B "O5'"  1 
ATOM 298 C "C5'"  . DA B 2 2 ? 1.230   11.283  8.399   1.00 0.00 ? 10 DA B "C5'"  1 
ATOM 299 C "C4'"  . DA B 2 2 ? 2.333   10.298  8.009   1.00 0.00 ? 10 DA B "C4'"  1 
ATOM 300 O "O4'"  . DA B 2 2 ? 2.057   8.953   8.350   1.00 0.00 ? 10 DA B "O4'"  1 
ATOM 301 C "C3'"  . DA B 2 2 ? 2.883   10.376  6.589   1.00 0.00 ? 10 DA B "C3'"  1 
ATOM 302 O "O3'"  . DA B 2 2 ? 4.249   10.771  6.593   1.00 0.00 ? 10 DA B "O3'"  1 
ATOM 303 C "C2'"  . DA B 2 2 ? 2.624   8.973   6.090   1.00 0.00 ? 10 DA B "C2'"  1 
ATOM 304 C "C1'"  . DA B 2 2 ? 2.610   8.129   7.344   1.00 0.00 ? 10 DA B "C1'"  1 
ATOM 305 N N9     . DA B 2 2 ? 1.774   6.935   7.218   1.00 0.00 ? 10 DA B N9     1 
ATOM 306 C C8     . DA B 2 2 ? 0.453   6.942   6.921   1.00 0.00 ? 10 DA B C8     1 
ATOM 307 N N7     . DA B 2 2 ? -0.137  5.786   7.060   1.00 0.00 ? 10 DA B N7     1 
ATOM 308 C C5     . DA B 2 2 ? 0.915   4.935   7.421   1.00 0.00 ? 10 DA B C5     1 
ATOM 309 C C6     . DA B 2 2 ? 1.006   3.550   7.713   1.00 0.00 ? 10 DA B C6     1 
ATOM 310 N N6     . DA B 2 2 ? -0.039  2.721   7.726   1.00 0.00 ? 10 DA B N6     1 
ATOM 311 N N1     . DA B 2 2 ? 2.215   3.021   7.982   1.00 0.00 ? 10 DA B N1     1 
ATOM 312 C C2     . DA B 2 2 ? 3.283   3.814   7.985   1.00 0.00 ? 10 DA B C2     1 
ATOM 313 N N3     . DA B 2 2 ? 3.334   5.127   7.770   1.00 0.00 ? 10 DA B N3     1 
ATOM 314 C C4     . DA B 2 2 ? 2.100   5.631   7.482   1.00 0.00 ? 10 DA B C4     1 
ATOM 315 H "H5'"  . DA B 2 2 ? 0.947   11.105  9.437   1.00 0.00 ? 10 DA B "H5'"  1 
ATOM 316 H "H5''" . DA B 2 2 ? 1.635   12.293  8.317   1.00 0.00 ? 10 DA B "H5''" 1 
ATOM 317 H "H4'"  . DA B 2 2 ? 3.184   10.539  8.615   1.00 0.00 ? 10 DA B "H4'"  1 
ATOM 318 H "H3'"  . DA B 2 2 ? 2.264   11.053  6.001   1.00 0.00 ? 10 DA B "H3'"  1 
ATOM 319 H "H2'"  . DA B 2 2 ? 1.667   8.940   5.625   1.00 0.00 ? 10 DA B "H2'"  1 
ATOM 320 H "H2''" . DA B 2 2 ? 3.399   8.645   5.414   1.00 0.00 ? 10 DA B "H2''" 1 
ATOM 321 H "H1'"  . DA B 2 2 ? 3.602   7.841   7.573   1.00 0.00 ? 10 DA B "H1'"  1 
ATOM 322 H H8     . DA B 2 2 ? 0.043   7.900   6.637   1.00 0.00 ? 10 DA B H8     1 
ATOM 323 H H61    . DA B 2 2 ? 0.103   1.740   7.923   1.00 0.00 ? 10 DA B H61    1 
ATOM 324 H H62    . DA B 2 2 ? -0.952  3.071   7.478   1.00 0.00 ? 10 DA B H62    1 
ATOM 325 H H2     . DA B 2 2 ? 4.224   3.336   8.210   1.00 0.00 ? 10 DA B H2     1 
ATOM 326 P P      . DG B 2 3 ? 5.061   11.136  5.239   1.00 0.00 ? 11 DG B P      1 
ATOM 327 O OP1    . DG B 2 3 ? 6.305   11.837  5.638   1.00 0.00 ? 11 DG B OP1    1 
ATOM 328 O OP2    . DG B 2 3 ? 4.133   11.784  4.288   1.00 0.00 ? 11 DG B OP2    1 
ATOM 329 O "O5'"  . DG B 2 3 ? 5.458   9.681   4.663   1.00 0.00 ? 11 DG B "O5'"  1 
ATOM 330 C "C5'"  . DG B 2 3 ? 6.407   8.877   5.335   1.00 0.00 ? 11 DG B "C5'"  1 
ATOM 331 C "C4'"  . DG B 2 3 ? 6.505   7.450   4.788   1.00 0.00 ? 11 DG B "C4'"  1 
ATOM 332 O "O4'"  . DG B 2 3 ? 5.459   6.572   5.159   1.00 0.00 ? 11 DG B "O4'"  1 
ATOM 333 C "C3'"  . DG B 2 3 ? 6.722   7.295   3.285   1.00 0.00 ? 11 DG B "C3'"  1 
ATOM 334 O "O3'"  . DG B 2 3 ? 8.072   6.918   3.038   1.00 0.00 ? 11 DG B "O3'"  1 
ATOM 335 C "C2'"  . DG B 2 3 ? 5.651   6.313   2.832   1.00 0.00 ? 11 DG B "C2'"  1 
ATOM 336 C "C1'"  . DG B 2 3 ? 5.312   5.615   4.121   1.00 0.00 ? 11 DG B "C1'"  1 
ATOM 337 N N9     . DG B 2 3 ? 3.966   5.023   4.157   1.00 0.00 ? 11 DG B N9     1 
ATOM 338 C C8     . DG B 2 3 ? 2.791   5.661   3.902   1.00 0.00 ? 11 DG B C8     1 
ATOM 339 N N7     . DG B 2 3 ? 1.734   4.905   4.006   1.00 0.00 ? 11 DG B N7     1 
ATOM 340 C C5     . DG B 2 3 ? 2.255   3.656   4.355   1.00 0.00 ? 11 DG B C5     1 
ATOM 341 C C6     . DG B 2 3 ? 1.597   2.403   4.596   1.00 0.00 ? 11 DG B C6     1 
ATOM 342 O O6     . DG B 2 3 ? 0.395   2.154   4.562   1.00 0.00 ? 11 DG B O6     1 
ATOM 343 N N1     . DG B 2 3 ? 2.488   1.374   4.898   1.00 0.00 ? 11 DG B N1     1 
ATOM 344 C C2     . DG B 2 3 ? 3.856   1.536   4.963   1.00 0.00 ? 11 DG B C2     1 
ATOM 345 N N2     . DG B 2 3 ? 4.577   0.451   5.230   1.00 0.00 ? 11 DG B N2     1 
ATOM 346 N N3     . DG B 2 3 ? 4.483   2.703   4.751   1.00 0.00 ? 11 DG B N3     1 
ATOM 347 C C4     . DG B 2 3 ? 3.629   3.724   4.448   1.00 0.00 ? 11 DG B C4     1 
ATOM 348 H "H5'"  . DG B 2 3 ? 6.160   8.825   6.394   1.00 0.00 ? 11 DG B "H5'"  1 
ATOM 349 H "H5''" . DG B 2 3 ? 7.385   9.350   5.236   1.00 0.00 ? 11 DG B "H5''" 1 
ATOM 350 H "H4'"  . DG B 2 3 ? 7.397   7.032   5.251   1.00 0.00 ? 11 DG B "H4'"  1 
ATOM 351 H "H3'"  . DG B 2 3 ? 6.478   8.224   2.807   1.00 0.00 ? 11 DG B "H3'"  1 
ATOM 352 H "H2'"  . DG B 2 3 ? 4.781   6.744   2.373   1.00 0.00 ? 11 DG B "H2'"  1 
ATOM 353 H "H2''" . DG B 2 3 ? 6.085   5.624   2.134   1.00 0.00 ? 11 DG B "H2''" 1 
ATOM 354 H "H1'"  . DG B 2 3 ? 6.041   4.849   4.178   1.00 0.00 ? 11 DG B "H1'"  1 
ATOM 355 H H8     . DG B 2 3 ? 2.815   6.707   3.643   1.00 0.00 ? 11 DG B H8     1 
ATOM 356 H H1     . DG B 2 3 ? 2.102   0.452   5.059   1.00 0.00 ? 11 DG B H1     1 
ATOM 357 H H21    . DG B 2 3 ? 4.124   -0.443  5.366   1.00 0.00 ? 11 DG B H21    1 
ATOM 358 H H22    . DG B 2 3 ? 5.580   0.530   5.283   1.00 0.00 ? 11 DG B H22    1 
ATOM 359 P P      . DC B 2 4 ? 8.679   6.678   1.557   1.00 0.00 ? 12 DC B P      1 
ATOM 360 O OP1    . DC B 2 4 ? 10.151  6.826   1.638   1.00 0.00 ? 12 DC B OP1    1 
ATOM 361 O OP2    . DC B 2 4 ? 7.912   7.485   0.584   1.00 0.00 ? 12 DC B OP2    1 
ATOM 362 O "O5'"  . DC B 2 4 ? 8.334   5.120   1.324   1.00 0.00 ? 12 DC B "O5'"  1 
ATOM 363 C "C5'"  . DC B 2 4 ? 8.936   4.124   2.127   1.00 0.00 ? 12 DC B "C5'"  1 
ATOM 364 C "C4'"  . DC B 2 4 ? 8.394   2.719   1.852   1.00 0.00 ? 12 DC B "C4'"  1 
ATOM 365 O "O4'"  . DC B 2 4 ? 7.081   2.443   2.295   1.00 0.00 ? 12 DC B "O4'"  1 
ATOM 366 C "C3'"  . DC B 2 4 ? 8.494   2.231   0.419   1.00 0.00 ? 12 DC B "C3'"  1 
ATOM 367 O "O3'"  . DC B 2 4 ? 9.571   1.340   0.210   1.00 0.00 ? 12 DC B "O3'"  1 
ATOM 368 C "C2'"  . DC B 2 4 ? 7.127   1.691   0.073   1.00 0.00 ? 12 DC B "C2'"  1 
ATOM 369 C "C1'"  . DC B 2 4 ? 6.542   1.427   1.456   1.00 0.00 ? 12 DC B "C1'"  1 
ATOM 370 N N1     . DC B 2 4 ? 5.074   1.645   1.412   1.00 0.00 ? 12 DC B N1     1 
ATOM 371 C C2     . DC B 2 4 ? 4.193   0.570   1.579   1.00 0.00 ? 12 DC B C2     1 
ATOM 372 O O2     . DC B 2 4 ? 4.610   -0.572  1.756   1.00 0.00 ? 12 DC B O2     1 
ATOM 373 N N3     . DC B 2 4 ? 2.850   0.811   1.532   1.00 0.00 ? 12 DC B N3     1 
ATOM 374 C C4     . DC B 2 4 ? 2.387   2.048   1.313   1.00 0.00 ? 12 DC B C4     1 
ATOM 375 N N4     . DC B 2 4 ? 1.070   2.237   1.283   1.00 0.00 ? 12 DC B N4     1 
ATOM 376 C C5     . DC B 2 4 ? 3.272   3.165   1.115   1.00 0.00 ? 12 DC B C5     1 
ATOM 377 C C6     . DC B 2 4 ? 4.603   2.915   1.172   1.00 0.00 ? 12 DC B C6     1 
ATOM 378 H "H5'"  . DC B 2 4 ? 8.793   4.356   3.182   1.00 0.00 ? 12 DC B "H5'"  1 
ATOM 379 H "H5''" . DC B 2 4 ? 10.008  4.122   1.925   1.00 0.00 ? 12 DC B "H5''" 1 
ATOM 380 H "H4'"  . DC B 2 4 ? 9.030   2.041   2.403   1.00 0.00 ? 12 DC B "H4'"  1 
ATOM 381 H "H3'"  . DC B 2 4 ? 8.571   3.118   -0.181  1.00 0.00 ? 12 DC B "H3'"  1 
ATOM 382 H "HO3'" . DC B 2 4 ? 9.761   1.326   -0.736  1.00 0.00 ? 12 DC B "HO3'" 1 
ATOM 383 H "H2'"  . DC B 2 4 ? 6.534   2.333   -0.579  1.00 0.00 ? 12 DC B "H2'"  1 
ATOM 384 H "H2''" . DC B 2 4 ? 7.278   0.752   -0.432  1.00 0.00 ? 12 DC B "H2''" 1 
ATOM 385 H "H1'"  . DC B 2 4 ? 6.826   0.433   1.801   1.00 0.00 ? 12 DC B "H1'"  1 
ATOM 386 H H41    . DC B 2 4 ? 0.447   1.457   1.435   1.00 0.00 ? 12 DC B H41    1 
ATOM 387 H H42    . DC B 2 4 ? 0.698   3.161   1.138   1.00 0.00 ? 12 DC B H42    1 
ATOM 388 H H5     . DC B 2 4 ? 2.921   4.168   0.931   1.00 0.00 ? 12 DC B H5     1 
ATOM 389 H H6     . DC B 2 4 ? 5.336   3.710   1.027   1.00 0.00 ? 12 DC B H6     1 
ATOM 390 O OP3    . DT C 3 1 ? 7.906   2.795   -3.451  1.00 0.00 ? 13 DT C OP3    1 
ATOM 391 P P      . DT C 3 1 ? 9.039   1.680   -3.614  1.00 0.00 ? 13 DT C P      1 
ATOM 392 O OP1    . DT C 3 1 ? 10.093  1.999   -2.627  1.00 0.00 ? 13 DT C OP1    1 
ATOM 393 O OP2    . DT C 3 1 ? 9.385   1.543   -5.045  1.00 0.00 ? 13 DT C OP2    1 
ATOM 394 O "O5'"  . DT C 3 1 ? 8.270   0.345   -3.136  1.00 0.00 ? 13 DT C "O5'"  1 
ATOM 395 C "C5'"  . DT C 3 1 ? 8.965   -0.709  -2.498  1.00 0.00 ? 13 DT C "C5'"  1 
ATOM 396 C "C4'"  . DT C 3 1 ? 8.039   -1.873  -2.146  1.00 0.00 ? 13 DT C "C4'"  1 
ATOM 397 O "O4'"  . DT C 3 1 ? 6.984   -1.549  -1.266  1.00 0.00 ? 13 DT C "O4'"  1 
ATOM 398 C "C3'"  . DT C 3 1 ? 7.521   -2.650  -3.344  1.00 0.00 ? 13 DT C "C3'"  1 
ATOM 399 O "O3'"  . DT C 3 1 ? 8.127   -3.931  -3.418  1.00 0.00 ? 13 DT C "O3'"  1 
ATOM 400 C "C2'"  . DT C 3 1 ? 6.048   -2.605  -3.092  1.00 0.00 ? 13 DT C "C2'"  1 
ATOM 401 C "C1'"  . DT C 3 1 ? 5.845   -2.302  -1.639  1.00 0.00 ? 13 DT C "C1'"  1 
ATOM 402 N N1     . DT C 3 1 ? 4.681   -1.382  -1.546  1.00 0.00 ? 13 DT C N1     1 
ATOM 403 C C2     . DT C 3 1 ? 3.401   -1.893  -1.315  1.00 0.00 ? 13 DT C C2     1 
ATOM 404 O O2     . DT C 3 1 ? 3.184   -3.074  -1.054  1.00 0.00 ? 13 DT C O2     1 
ATOM 405 N N3     . DT C 3 1 ? 2.355   -0.989  -1.447  1.00 0.00 ? 13 DT C N3     1 
ATOM 406 C C4     . DT C 3 1 ? 2.479   0.365   -1.739  1.00 0.00 ? 13 DT C C4     1 
ATOM 407 O O4     . DT C 3 1 ? 1.483   1.081   -1.778  1.00 0.00 ? 13 DT C O4     1 
ATOM 408 C C5     . DT C 3 1 ? 3.840   0.802   -2.020  1.00 0.00 ? 13 DT C C5     1 
ATOM 409 C C7     . DT C 3 1 ? 4.102   2.227   -2.470  1.00 0.00 ? 13 DT C C7     1 
ATOM 410 C C6     . DT C 3 1 ? 4.872   -0.072  -1.923  1.00 0.00 ? 13 DT C C6     1 
ATOM 411 H "H5'"  . DT C 3 1 ? 9.427   -0.349  -1.583  1.00 0.00 ? 13 DT C "H5'"  1 
ATOM 412 H "H5''" . DT C 3 1 ? 9.752   -1.073  -3.159  1.00 0.00 ? 13 DT C "H5''" 1 
ATOM 413 H "H4'"  . DT C 3 1 ? 8.598   -2.582  -1.590  1.00 0.00 ? 13 DT C "H4'"  1 
ATOM 414 H "H3'"  . DT C 3 1 ? 7.634   -2.075  -4.260  1.00 0.00 ? 13 DT C "H3'"  1 
ATOM 415 H "H2'"  . DT C 3 1 ? 5.606   -1.851  -3.723  1.00 0.00 ? 13 DT C "H2'"  1 
ATOM 416 H "H2''" . DT C 3 1 ? 5.679   -3.616  -3.201  1.00 0.00 ? 13 DT C "H2''" 1 
ATOM 417 H "H1'"  . DT C 3 1 ? 5.682   -3.237  -1.139  1.00 0.00 ? 13 DT C "H1'"  1 
ATOM 418 H H3     . DT C 3 1 ? 1.420   -1.349  -1.297  1.00 0.00 ? 13 DT C H3     1 
ATOM 419 H H71    . DT C 3 1 ? 5.166   2.391   -2.635  1.00 0.00 ? 13 DT C H71    1 
ATOM 420 H H72    . DT C 3 1 ? 3.566   2.415   -3.401  1.00 0.00 ? 13 DT C H72    1 
ATOM 421 H H73    . DT C 3 1 ? 3.746   2.922   -1.709  1.00 0.00 ? 13 DT C H73    1 
ATOM 422 H H6     . DT C 3 1 ? 5.895   0.204   -2.171  1.00 0.00 ? 13 DT C H6     1 
ATOM 423 H "HO5'" . DT C 3 1 ? 7.698   2.838   -2.517  1.00 0.00 ? 13 DT C "HO5'" 1 
ATOM 424 P P      . DC C 3 2 ? 8.157   -4.794  -4.782  1.00 0.00 ? 14 DC C P      1 
ATOM 425 O OP1    . DC C 3 2 ? 9.048   -5.957  -4.570  1.00 0.00 ? 14 DC C OP1    1 
ATOM 426 O OP2    . DC C 3 2 ? 8.406   -3.881  -5.920  1.00 0.00 ? 14 DC C OP2    1 
ATOM 427 O "O5'"  . DC C 3 2 ? 6.639   -5.314  -4.868  1.00 0.00 ? 14 DC C "O5'"  1 
ATOM 428 C "C5'"  . DC C 3 2 ? 6.154   -6.290  -3.964  1.00 0.00 ? 14 DC C "C5'"  1 
ATOM 429 C "C4'"  . DC C 3 2 ? 4.654   -6.522  -4.141  1.00 0.00 ? 14 DC C "C4'"  1 
ATOM 430 O "O4'"  . DC C 3 2 ? 3.862   -5.437  -3.691  1.00 0.00 ? 14 DC C "O4'"  1 
ATOM 431 C "C3'"  . DC C 3 2 ? 4.228   -6.842  -5.571  1.00 0.00 ? 14 DC C "C3'"  1 
ATOM 432 O "O3'"  . DC C 3 2 ? 3.895   -8.217  -5.699  1.00 0.00 ? 14 DC C "O3'"  1 
ATOM 433 C "C2'"  . DC C 3 2 ? 3.132   -5.847  -5.855  1.00 0.00 ? 14 DC C "C2'"  1 
ATOM 434 C "C1'"  . DC C 3 2 ? 2.694   -5.379  -4.493  1.00 0.00 ? 14 DC C "C1'"  1 
ATOM 435 N N1     . DC C 3 2 ? 2.241   -3.968  -4.569  1.00 0.00 ? 14 DC C N1     1 
ATOM 436 C C2     . DC C 3 2 ? 0.873   -3.683  -4.499  1.00 0.00 ? 14 DC C C2     1 
ATOM 437 O O2     . DC C 3 2 ? 0.039   -4.582  -4.399  1.00 0.00 ? 14 DC C O2     1 
ATOM 438 N N3     . DC C 3 2 ? 0.468   -2.385  -4.575  1.00 0.00 ? 14 DC C N3     1 
ATOM 439 C C4     . DC C 3 2 ? 1.361   -1.398  -4.699  1.00 0.00 ? 14 DC C C4     1 
ATOM 440 N N4     . DC C 3 2 ? 0.903   -0.149  -4.739  1.00 0.00 ? 14 DC C N4     1 
ATOM 441 C C5     . DC C 3 2 ? 2.769   -1.665  -4.834  1.00 0.00 ? 14 DC C C5     1 
ATOM 442 C C6     . DC C 3 2 ? 3.162   -2.964  -4.774  1.00 0.00 ? 14 DC C C6     1 
ATOM 443 H "H5'"  . DC C 3 2 ? 6.344   -5.972  -2.938  1.00 0.00 ? 14 DC C "H5'"  1 
ATOM 444 H "H5''" . DC C 3 2 ? 6.678   -7.229  -4.144  1.00 0.00 ? 14 DC C "H5''" 1 
ATOM 445 H "H4'"  . DC C 3 2 ? 4.387   -7.384  -3.538  1.00 0.00 ? 14 DC C "H4'"  1 
ATOM 446 H "H3'"  . DC C 3 2 ? 5.005   -6.536  -6.254  1.00 0.00 ? 14 DC C "H3'"  1 
ATOM 447 H "H2'"  . DC C 3 2 ? 3.464   -5.038  -6.509  1.00 0.00 ? 14 DC C "H2'"  1 
ATOM 448 H "H2''" . DC C 3 2 ? 2.300   -6.406  -6.248  1.00 0.00 ? 14 DC C "H2''" 1 
ATOM 449 H "H1'"  . DC C 3 2 ? 1.899   -6.046  -4.177  1.00 0.00 ? 14 DC C "H1'"  1 
ATOM 450 H H41    . DC C 3 2 ? -0.092  0.009   -4.648  1.00 0.00 ? 14 DC C H41    1 
ATOM 451 H H42    . DC C 3 2 ? 1.539   0.628   -4.809  1.00 0.00 ? 14 DC C H42    1 
ATOM 452 H H5     . DC C 3 2 ? 3.505   -0.890  -4.978  1.00 0.00 ? 14 DC C H5     1 
ATOM 453 H H6     . DC C 3 2 ? 4.213   -3.245  -4.887  1.00 0.00 ? 14 DC C H6     1 
ATOM 454 P P      . DC C 3 3 ? 3.721   -8.945  -7.133  1.00 0.00 ? 15 DC C P      1 
ATOM 455 O OP1    . DC C 3 3 ? 3.772   -10.409 -6.914  1.00 0.00 ? 15 DC C OP1    1 
ATOM 456 O OP2    . DC C 3 3 ? 4.645   -8.321  -8.105  1.00 0.00 ? 15 DC C OP2    1 
ATOM 457 O "O5'"  . DC C 3 3 ? 2.217   -8.543  -7.541  1.00 0.00 ? 15 DC C "O5'"  1 
ATOM 458 C "C5'"  . DC C 3 3 ? 1.095   -9.110  -6.888  1.00 0.00 ? 15 DC C "C5'"  1 
ATOM 459 C "C4'"  . DC C 3 3 ? -0.213  -8.555  -7.461  1.00 0.00 ? 15 DC C "C4'"  1 
ATOM 460 O "O4'"  . DC C 3 3 ? -0.479  -7.234  -7.040  1.00 0.00 ? 15 DC C "O4'"  1 
ATOM 461 C "C3'"  . DC C 3 3 ? -0.313  -8.600  -8.982  1.00 0.00 ? 15 DC C "C3'"  1 
ATOM 462 O "O3'"  . DC C 3 3 ? -1.245  -9.576  -9.441  1.00 0.00 ? 15 DC C "O3'"  1 
ATOM 463 C "C2'"  . DC C 3 3 ? -0.611  -7.174  -9.359  1.00 0.00 ? 15 DC C "C2'"  1 
ATOM 464 C "C1'"  . DC C 3 3 ? -1.164  -6.573  -8.085  1.00 0.00 ? 15 DC C "C1'"  1 
ATOM 465 N N1     . DC C 3 3 ? -0.793  -5.139  -8.014  1.00 0.00 ? 15 DC C N1     1 
ATOM 466 C C2     . DC C 3 3 ? -1.781  -4.145  -8.028  1.00 0.00 ? 15 DC C C2     1 
ATOM 467 O O2     . DC C 3 3 ? -2.976  -4.429  -8.119  1.00 0.00 ? 15 DC C O2     1 
ATOM 468 N N3     . DC C 3 3 ? -1.394  -2.838  -7.964  1.00 0.00 ? 15 DC C N3     1 
ATOM 469 C C4     . DC C 3 3 ? -0.095  -2.516  -7.908  1.00 0.00 ? 15 DC C C4     1 
ATOM 470 N N4     . DC C 3 3 ? 0.232   -1.229  -7.856  1.00 0.00 ? 15 DC C N4     1 
ATOM 471 C C5     . DC C 3 3 ? 0.940   -3.516  -7.928  1.00 0.00 ? 15 DC C C5     1 
ATOM 472 C C6     . DC C 3 3 ? 0.544   -4.812  -7.981  1.00 0.00 ? 15 DC C C6     1 
ATOM 473 H "H5'"  . DC C 3 3 ? 1.141   -8.896  -5.819  1.00 0.00 ? 15 DC C "H5'"  1 
ATOM 474 H "H5''" . DC C 3 3 ? 1.108   -10.191 -7.034  1.00 0.00 ? 15 DC C "H5''" 1 
ATOM 475 H "H4'"  . DC C 3 3 ? -1.041  -9.151  -7.097  1.00 0.00 ? 15 DC C "H4'"  1 
ATOM 476 H "H3'"  . DC C 3 3 ? 0.679   -8.754  -9.374  1.00 0.00 ? 15 DC C "H3'"  1 
ATOM 477 H "H2'"  . DC C 3 3 ? 0.275   -6.668  -9.738  1.00 0.00 ? 15 DC C "H2'"  1 
ATOM 478 H "H2''" . DC C 3 3 ? -1.412  -7.192  -10.073 1.00 0.00 ? 15 DC C "H2''" 1 
ATOM 479 H "H1'"  . DC C 3 3 ? -2.234  -6.758  -8.061  1.00 0.00 ? 15 DC C "H1'"  1 
ATOM 480 H H41    . DC C 3 3 ? -0.506  -0.538  -7.811  1.00 0.00 ? 15 DC C H41    1 
ATOM 481 H H42    . DC C 3 3 ? 1.197   -0.955  -7.775  1.00 0.00 ? 15 DC C H42    1 
ATOM 482 H H5     . DC C 3 3 ? 1.993   -3.279  -7.900  1.00 0.00 ? 15 DC C H5     1 
ATOM 483 H H6     . DC C 3 3 ? 1.263   -5.638  -8.014  1.00 0.00 ? 15 DC C H6     1 
ATOM 484 P P      . DA C 3 4 ? -1.432  -9.956  -11.008 1.00 0.00 ? 16 DA C P      1 
ATOM 485 O OP1    . DA C 3 4 ? -2.096  -11.278 -11.088 1.00 0.00 ? 16 DA C OP1    1 
ATOM 486 O OP2    . DA C 3 4 ? -0.152  -9.742  -11.717 1.00 0.00 ? 16 DA C OP2    1 
ATOM 487 O "O5'"  . DA C 3 4 ? -2.478  -8.847  -11.537 1.00 0.00 ? 16 DA C "O5'"  1 
ATOM 488 C "C5'"  . DA C 3 4 ? -3.828  -8.851  -11.111 1.00 0.00 ? 16 DA C "C5'"  1 
ATOM 489 C "C4'"  . DA C 3 4 ? -4.631  -7.691  -11.713 1.00 0.00 ? 16 DA C "C4'"  1 
ATOM 490 O "O4'"  . DA C 3 4 ? -4.300  -6.448  -11.134 1.00 0.00 ? 16 DA C "O4'"  1 
ATOM 491 C "C3'"  . DA C 3 4 ? -4.492  -7.502  -13.225 1.00 0.00 ? 16 DA C "C3'"  1 
ATOM 492 O "O3'"  . DA C 3 4 ? -5.698  -7.711  -13.939 1.00 0.00 ? 16 DA C "O3'"  1 
ATOM 493 C "C2'"  . DA C 3 4 ? -3.931  -6.117  -13.418 1.00 0.00 ? 16 DA C "C2'"  1 
ATOM 494 C "C1'"  . DA C 3 4 ? -4.413  -5.457  -12.138 1.00 0.00 ? 16 DA C "C1'"  1 
ATOM 495 N N9     . DA C 3 4 ? -3.456  -4.400  -11.786 1.00 0.00 ? 16 DA C N9     1 
ATOM 496 C C8     . DA C 3 4 ? -2.105  -4.564  -11.678 1.00 0.00 ? 16 DA C C8     1 
ATOM 497 N N7     . DA C 3 4 ? -1.455  -3.472  -11.383 1.00 0.00 ? 16 DA C N7     1 
ATOM 498 C C5     . DA C 3 4 ? -2.465  -2.506  -11.313 1.00 0.00 ? 16 DA C C5     1 
ATOM 499 C C6     . DA C 3 4 ? -2.475  -1.110  -11.078 1.00 0.00 ? 16 DA C C6     1 
ATOM 500 N N6     . DA C 3 4 ? -1.391  -0.389  -10.781 1.00 0.00 ? 16 DA C N6     1 
ATOM 501 N N1     . DA C 3 4 ? -3.640  -0.446  -11.195 1.00 0.00 ? 16 DA C N1     1 
ATOM 502 C C2     . DA C 3 4 ? -4.753  -1.120  -11.467 1.00 0.00 ? 16 DA C C2     1 
ATOM 503 N N3     . DA C 3 4 ? -4.892  -2.427  -11.679 1.00 0.00 ? 16 DA C N3     1 
ATOM 504 C C4     . DA C 3 4 ? -3.692  -3.068  -11.588 1.00 0.00 ? 16 DA C C4     1 
ATOM 505 H "H5'"  . DA C 3 4 ? -3.867  -8.782  -10.022 1.00 0.00 ? 16 DA C "H5'"  1 
ATOM 506 H "H5''" . DA C 3 4 ? -4.289  -9.789  -11.418 1.00 0.00 ? 16 DA C "H5''" 1 
ATOM 507 H "H4'"  . DA C 3 4 ? -5.679  -7.883  -11.503 1.00 0.00 ? 16 DA C "H4'"  1 
ATOM 508 H "H3'"  . DA C 3 4 ? -3.682  -8.131  -13.548 1.00 0.00 ? 16 DA C "H3'"  1 
ATOM 509 H "HO3'" . DA C 3 4 ? -6.358  -7.103  -13.597 1.00 0.00 ? 16 DA C "HO3'" 1 
ATOM 510 H "H2'"  . DA C 3 4 ? -2.845  -6.167  -13.505 1.00 0.00 ? 16 DA C "H2'"  1 
ATOM 511 H "H2''" . DA C 3 4 ? -4.352  -5.621  -14.293 1.00 0.00 ? 16 DA C "H2''" 1 
ATOM 512 H "H1'"  . DA C 3 4 ? -5.435  -5.113  -12.248 1.00 0.00 ? 16 DA C "H1'"  1 
ATOM 513 H H8     . DA C 3 4 ? -1.701  -5.553  -11.881 1.00 0.00 ? 16 DA C H8     1 
ATOM 514 H H61    . DA C 3 4 ? -1.483  0.599   -10.586 1.00 0.00 ? 16 DA C H61    1 
ATOM 515 H H62    . DA C 3 4 ? -0.507  -0.856  -10.646 1.00 0.00 ? 16 DA C H62    1 
ATOM 516 H H2     . DA C 3 4 ? -5.658  -0.532  -11.527 1.00 0.00 ? 16 DA C H2     1 
# 
